data_3GWB
#
_entry.id   3GWB
#
_cell.length_a   119.673
_cell.length_b   64.841
_cell.length_c   114.972
_cell.angle_alpha   90.00
_cell.angle_beta   96.39
_cell.angle_gamma   90.00
#
_symmetry.space_group_name_H-M   'C 1 2 1'
#
loop_
_entity.id
_entity.type
_entity.pdbx_description
1 polymer 'Peptidase M16 inactive domain family protein'
2 water water
#
_entity_poly.entity_id   1
_entity_poly.type   'polypeptide(L)'
_entity_poly.pdbx_seq_one_letter_code
;ELDGKAPSHRNLNVQTWSTAEGAKVLFVEARELP(MSE)FDLRLIFAAGSSQDGNAPGVALLTNA(MSE)LNEGVAGKDV
GAIAQGFEGLGADFGNGAYKD(MSE)AVASLRSLSAVDKREPALKLFAEVVGKPTFPADSLARIKNQ(MSE)LAGFEYQK
QNPGKLASLEL(MSE)KRLYGTHPYAHASDGDAKSIPPITLAQLKAFHAKAYAAGNVVIALVGDLSRSDAEAIAAQVSAA
LPKGPALAKIEQPAEPKASIGHIEFPSSQTSL(MSE)LAQLGIDRDDPDYAAVSLGNQILGGGGFGTRL(MSE)SEVREK
RGLTYGVYSGFTP(MSE)QARGPF(MSE)INLQTRAE(MSE)SEGTLKLVQDVFAEYLKNGPTQKELDDAKRELAGSFPL
STASNADIVGQLGA(MSE)GFYNLPLSYLEDF(MSE)RQSQELTVEQVKAA(MSE)NKHLNVDK(MSE)VIVSAGPTVAQ
KPLEHHHHHH
;
_entity_poly.pdbx_strand_id   A,B
#
# COMPACT_ATOMS: atom_id res chain seq x y z
N LEU A 12 -6.01 14.64 24.91
CA LEU A 12 -6.56 15.53 25.99
C LEU A 12 -7.33 14.70 27.00
N ASN A 13 -6.97 14.84 28.27
CA ASN A 13 -7.58 14.08 29.35
C ASN A 13 -7.51 12.58 29.08
N VAL A 14 -6.29 12.07 29.02
CA VAL A 14 -6.05 10.65 28.81
C VAL A 14 -6.41 9.94 30.10
N GLN A 15 -7.24 8.91 30.00
CA GLN A 15 -7.63 8.15 31.18
C GLN A 15 -6.97 6.79 31.12
N THR A 16 -6.63 6.25 32.29
CA THR A 16 -5.97 4.96 32.29
C THR A 16 -6.37 4.09 33.47
N TRP A 17 -6.25 2.79 33.27
CA TRP A 17 -6.58 1.80 34.29
C TRP A 17 -6.11 0.46 33.76
N SER A 18 -6.23 -0.59 34.58
CA SER A 18 -5.83 -1.91 34.17
C SER A 18 -7.02 -2.86 34.28
N THR A 19 -7.00 -3.93 33.49
CA THR A 19 -8.09 -4.91 33.55
C THR A 19 -7.70 -5.97 34.58
N ALA A 20 -8.63 -6.88 34.89
CA ALA A 20 -8.35 -7.93 35.85
C ALA A 20 -7.23 -8.87 35.40
N GLU A 21 -6.90 -8.85 34.10
CA GLU A 21 -5.83 -9.69 33.57
C GLU A 21 -4.49 -8.98 33.56
N GLY A 22 -4.48 -7.73 34.01
CA GLY A 22 -3.23 -6.98 34.05
C GLY A 22 -2.95 -6.21 32.77
N ALA A 23 -3.94 -6.07 31.89
CA ALA A 23 -3.74 -5.32 30.66
C ALA A 23 -3.81 -3.81 30.94
N LYS A 24 -2.90 -3.06 30.34
CA LYS A 24 -2.89 -1.61 30.53
C LYS A 24 -3.88 -1.00 29.54
N VAL A 25 -4.81 -0.19 30.06
CA VAL A 25 -5.81 0.47 29.22
C VAL A 25 -5.64 2.00 29.20
N LEU A 26 -5.67 2.60 28.01
CA LEU A 26 -5.58 4.06 27.89
C LEU A 26 -6.76 4.48 27.03
N PHE A 27 -7.46 5.53 27.45
CA PHE A 27 -8.65 5.98 26.75
C PHE A 27 -8.82 7.48 26.65
N VAL A 28 -9.27 7.94 25.50
CA VAL A 28 -9.55 9.36 25.27
C VAL A 28 -10.95 9.44 24.68
N GLU A 29 -11.84 10.16 25.35
CA GLU A 29 -13.20 10.32 24.85
C GLU A 29 -13.16 11.41 23.77
N ALA A 30 -13.78 11.13 22.63
CA ALA A 30 -13.85 12.07 21.51
C ALA A 30 -15.20 11.83 20.88
N ARG A 31 -16.13 12.77 21.09
CA ARG A 31 -17.49 12.62 20.61
C ARG A 31 -17.84 13.26 19.27
N GLU A 32 -16.86 13.87 18.60
CA GLU A 32 -17.15 14.52 17.32
C GLU A 32 -17.75 13.60 16.24
N LEU A 33 -17.18 12.41 16.10
CA LEU A 33 -17.65 11.44 15.11
C LEU A 33 -18.22 10.18 15.77
N PRO A 34 -19.26 9.59 15.16
CA PRO A 34 -19.92 8.38 15.67
C PRO A 34 -19.12 7.11 15.39
N PHE A 36 -15.10 4.88 16.66
CA PHE A 36 -13.99 4.82 17.59
C PHE A 36 -12.91 3.89 17.07
N ASP A 37 -11.72 4.03 17.64
CA ASP A 37 -10.57 3.22 17.27
C ASP A 37 -10.09 2.44 18.48
N LEU A 38 -9.93 1.14 18.29
CA LEU A 38 -9.43 0.25 19.33
C LEU A 38 -8.10 -0.30 18.81
N ARG A 39 -7.05 -0.18 19.60
CA ARG A 39 -5.74 -0.66 19.18
C ARG A 39 -5.13 -1.48 20.29
N LEU A 40 -4.64 -2.66 19.93
CA LEU A 40 -4.00 -3.57 20.89
C LEU A 40 -2.53 -3.68 20.51
N ILE A 41 -1.67 -3.37 21.48
CA ILE A 41 -0.24 -3.45 21.24
C ILE A 41 0.33 -4.54 22.12
N PHE A 42 0.87 -5.60 21.52
CA PHE A 42 1.45 -6.72 22.25
C PHE A 42 2.97 -6.68 22.13
N ALA A 43 3.66 -7.12 23.17
CA ALA A 43 5.11 -7.21 23.13
C ALA A 43 5.33 -8.56 22.43
N ALA A 44 4.95 -8.60 21.15
CA ALA A 44 5.05 -9.82 20.33
C ALA A 44 5.70 -9.58 18.97
N GLY A 45 6.76 -8.77 18.95
CA GLY A 45 7.46 -8.51 17.70
C GLY A 45 8.52 -9.56 17.45
N SER A 46 9.30 -9.37 16.39
CA SER A 46 10.35 -10.31 16.04
C SER A 46 11.42 -10.49 17.11
N SER A 47 11.53 -9.53 18.01
CA SER A 47 12.52 -9.60 19.08
C SER A 47 12.19 -10.78 20.02
N GLN A 48 10.98 -11.32 19.88
CA GLN A 48 10.56 -12.45 20.71
C GLN A 48 10.66 -13.76 19.93
N ASP A 49 11.14 -13.68 18.70
CA ASP A 49 11.29 -14.87 17.84
C ASP A 49 12.07 -16.02 18.46
N GLY A 50 13.15 -15.70 19.16
CA GLY A 50 13.95 -16.75 19.74
C GLY A 50 14.65 -17.54 18.64
N ASN A 51 14.50 -18.86 18.67
CA ASN A 51 15.13 -19.73 17.69
C ASN A 51 14.28 -19.93 16.43
N ALA A 52 13.20 -19.18 16.30
CA ALA A 52 12.34 -19.32 15.12
C ALA A 52 12.07 -17.98 14.42
N PRO A 53 13.12 -17.36 13.85
CA PRO A 53 12.98 -16.08 13.15
C PRO A 53 11.75 -16.07 12.25
N GLY A 54 10.92 -15.03 12.40
CA GLY A 54 9.72 -14.92 11.60
C GLY A 54 8.43 -15.48 12.22
N VAL A 55 8.53 -16.20 13.32
CA VAL A 55 7.32 -16.78 13.91
C VAL A 55 6.37 -15.69 14.42
N ALA A 56 6.92 -14.60 14.92
CA ALA A 56 6.10 -13.50 15.42
C ALA A 56 5.29 -12.87 14.30
N LEU A 57 5.93 -12.61 13.18
CA LEU A 57 5.23 -11.99 12.08
C LEU A 57 4.18 -12.94 11.50
N LEU A 58 4.53 -14.22 11.42
CA LEU A 58 3.60 -15.21 10.89
C LEU A 58 2.37 -15.36 11.78
N THR A 59 2.59 -15.37 13.08
CA THR A 59 1.47 -15.51 14.00
C THR A 59 0.54 -14.31 13.85
N ASN A 60 1.11 -13.12 13.79
CA ASN A 60 0.31 -11.90 13.66
C ASN A 60 -0.47 -11.86 12.35
N ALA A 61 0.10 -12.41 11.29
CA ALA A 61 -0.55 -12.42 9.99
C ALA A 61 -1.67 -13.44 9.93
N LEU A 63 -3.77 -14.25 12.43
CA LEU A 63 -4.88 -13.95 13.33
C LEU A 63 -6.24 -13.95 12.66
N ASN A 64 -6.40 -13.14 11.61
CA ASN A 64 -7.69 -13.05 10.94
C ASN A 64 -7.86 -14.03 9.78
N GLU A 65 -7.08 -15.11 9.78
CA GLU A 65 -7.19 -16.13 8.73
C GLU A 65 -8.23 -17.17 9.09
N GLY A 66 -8.74 -17.12 10.33
CA GLY A 66 -9.75 -18.07 10.74
C GLY A 66 -10.02 -18.18 12.23
N VAL A 67 -11.28 -18.44 12.56
CA VAL A 67 -11.70 -18.64 13.94
C VAL A 67 -12.68 -19.82 13.87
N ALA A 68 -13.12 -20.29 15.04
CA ALA A 68 -14.05 -21.42 15.09
C ALA A 68 -15.22 -21.27 14.10
N GLY A 69 -15.29 -22.19 13.15
CA GLY A 69 -16.37 -22.19 12.17
C GLY A 69 -16.36 -21.10 11.11
N LYS A 70 -15.28 -20.34 11.01
CA LYS A 70 -15.19 -19.26 10.03
C LYS A 70 -13.82 -19.21 9.34
N ASP A 71 -13.82 -19.04 8.02
CA ASP A 71 -12.57 -18.95 7.27
C ASP A 71 -12.21 -17.48 7.01
N VAL A 72 -11.07 -17.25 6.37
CA VAL A 72 -10.57 -15.91 6.07
C VAL A 72 -11.61 -14.99 5.41
N GLY A 73 -12.27 -15.49 4.37
CA GLY A 73 -13.26 -14.67 3.70
C GLY A 73 -14.47 -14.35 4.56
N ALA A 74 -14.87 -15.30 5.40
CA ALA A 74 -16.02 -15.11 6.28
C ALA A 74 -15.74 -14.01 7.30
N ILE A 75 -14.53 -14.03 7.88
CA ILE A 75 -14.15 -13.02 8.85
C ILE A 75 -14.12 -11.64 8.20
N ALA A 76 -13.53 -11.56 7.01
CA ALA A 76 -13.44 -10.30 6.30
C ALA A 76 -14.82 -9.70 6.02
N GLN A 77 -15.75 -10.52 5.54
CA GLN A 77 -17.08 -10.03 5.23
C GLN A 77 -17.77 -9.65 6.53
N GLY A 78 -17.45 -10.39 7.58
CA GLY A 78 -18.04 -10.10 8.88
C GLY A 78 -17.78 -8.67 9.32
N PHE A 79 -16.54 -8.22 9.21
CA PHE A 79 -16.22 -6.86 9.62
C PHE A 79 -16.84 -5.86 8.64
N GLU A 80 -16.66 -6.12 7.34
CA GLU A 80 -17.21 -5.24 6.30
C GLU A 80 -18.71 -5.00 6.44
N GLY A 81 -19.47 -6.06 6.71
CA GLY A 81 -20.90 -5.91 6.84
C GLY A 81 -21.32 -5.06 8.02
N LEU A 82 -20.39 -4.82 8.93
CA LEU A 82 -20.66 -4.03 10.12
C LEU A 82 -20.08 -2.62 10.02
N GLY A 83 -19.39 -2.35 8.92
CA GLY A 83 -18.80 -1.04 8.72
C GLY A 83 -17.51 -0.87 9.50
N ALA A 84 -16.90 -1.98 9.86
CA ALA A 84 -15.65 -1.96 10.64
C ALA A 84 -14.44 -2.45 9.84
N ASP A 85 -13.27 -1.92 10.19
CA ASP A 85 -12.04 -2.33 9.53
C ASP A 85 -11.06 -2.96 10.51
N PHE A 86 -10.44 -4.05 10.11
CA PHE A 86 -9.48 -4.76 10.94
C PHE A 86 -8.09 -4.42 10.45
N GLY A 87 -7.16 -4.22 11.39
CA GLY A 87 -5.79 -3.91 11.03
C GLY A 87 -4.81 -4.75 11.83
N ASN A 88 -3.66 -5.05 11.26
CA ASN A 88 -2.65 -5.83 11.98
C ASN A 88 -1.26 -5.56 11.42
N GLY A 89 -0.24 -5.84 12.23
CA GLY A 89 1.13 -5.63 11.80
C GLY A 89 2.08 -6.06 12.90
N ALA A 90 3.23 -6.60 12.51
CA ALA A 90 4.24 -7.05 13.46
C ALA A 90 5.54 -6.36 13.09
N TYR A 91 6.29 -5.96 14.11
CA TYR A 91 7.55 -5.26 13.91
C TYR A 91 8.66 -5.87 14.76
N LYS A 92 9.63 -5.07 15.15
CA LYS A 92 10.75 -5.54 15.96
C LYS A 92 10.38 -5.77 17.42
N ASP A 93 9.81 -4.76 18.07
CA ASP A 93 9.45 -4.93 19.47
C ASP A 93 7.96 -4.98 19.79
N ALA A 95 3.69 -5.95 18.14
CA ALA A 95 2.79 -6.54 17.16
C ALA A 95 1.45 -5.90 17.47
N VAL A 96 0.68 -5.58 16.44
CA VAL A 96 -0.58 -4.91 16.66
C VAL A 96 -1.78 -5.55 15.99
N ALA A 97 -2.94 -5.29 16.57
CA ALA A 97 -4.22 -5.74 16.05
C ALA A 97 -5.10 -4.53 16.34
N SER A 98 -5.80 -4.04 15.33
CA SER A 98 -6.64 -2.86 15.49
C SER A 98 -8.01 -3.01 14.85
N LEU A 99 -8.95 -2.20 15.35
CA LEU A 99 -10.32 -2.19 14.85
C LEU A 99 -10.88 -0.78 14.85
N ARG A 100 -11.40 -0.35 13.71
CA ARG A 100 -12.05 0.94 13.63
C ARG A 100 -13.50 0.51 13.42
N SER A 101 -14.41 1.08 14.19
CA SER A 101 -15.81 0.69 14.10
C SER A 101 -16.79 1.81 14.38
N LEU A 102 -17.99 1.71 13.82
CA LEU A 102 -19.02 2.69 14.10
C LEU A 102 -19.30 2.49 15.58
N SER A 103 -19.67 3.55 16.27
CA SER A 103 -19.93 3.48 17.71
C SER A 103 -21.30 2.95 18.10
N ALA A 104 -22.26 2.99 17.19
CA ALA A 104 -23.61 2.49 17.48
C ALA A 104 -23.55 1.07 18.03
N VAL A 105 -24.23 0.84 19.15
CA VAL A 105 -24.25 -0.47 19.80
C VAL A 105 -24.60 -1.64 18.90
N ASP A 106 -25.54 -1.46 17.97
CA ASP A 106 -25.93 -2.56 17.08
C ASP A 106 -24.84 -2.93 16.09
N LYS A 107 -23.83 -2.08 15.95
CA LYS A 107 -22.73 -2.35 15.02
C LYS A 107 -21.43 -2.69 15.74
N ARG A 108 -21.15 -1.99 16.84
CA ARG A 108 -19.91 -2.27 17.55
C ARG A 108 -19.92 -3.55 18.36
N GLU A 109 -21.08 -3.92 18.90
CA GLU A 109 -21.13 -5.14 19.70
C GLU A 109 -20.75 -6.37 18.87
N PRO A 110 -21.40 -6.58 17.72
CA PRO A 110 -21.08 -7.73 16.87
C PRO A 110 -19.63 -7.65 16.37
N ALA A 111 -19.20 -6.45 16.01
CA ALA A 111 -17.84 -6.24 15.51
C ALA A 111 -16.78 -6.55 16.56
N LEU A 112 -17.06 -6.18 17.82
CA LEU A 112 -16.11 -6.43 18.89
C LEU A 112 -16.04 -7.91 19.26
N LYS A 113 -17.17 -8.61 19.16
CA LYS A 113 -17.19 -10.03 19.45
C LYS A 113 -16.34 -10.76 18.43
N LEU A 114 -16.42 -10.34 17.17
CA LEU A 114 -15.64 -10.96 16.11
C LEU A 114 -14.16 -10.63 16.31
N PHE A 115 -13.88 -9.38 16.64
CA PHE A 115 -12.52 -8.91 16.87
C PHE A 115 -11.86 -9.68 18.02
N ALA A 116 -12.58 -9.84 19.12
CA ALA A 116 -12.05 -10.55 20.28
C ALA A 116 -11.71 -12.00 19.88
N GLU A 117 -12.60 -12.62 19.12
CA GLU A 117 -12.40 -13.99 18.67
C GLU A 117 -11.17 -14.09 17.78
N VAL A 118 -11.04 -13.16 16.84
CA VAL A 118 -9.90 -13.16 15.92
C VAL A 118 -8.55 -13.03 16.64
N VAL A 119 -8.43 -12.08 17.55
CA VAL A 119 -7.17 -11.89 18.24
C VAL A 119 -6.95 -12.86 19.40
N GLY A 120 -8.01 -13.26 20.09
CA GLY A 120 -7.84 -14.17 21.22
C GLY A 120 -7.96 -15.67 20.96
N LYS A 121 -8.72 -16.06 19.94
CA LYS A 121 -8.89 -17.48 19.64
C LYS A 121 -8.72 -17.84 18.18
N PRO A 122 -7.58 -17.46 17.58
CA PRO A 122 -7.37 -17.80 16.17
C PRO A 122 -7.21 -19.32 16.01
N THR A 123 -7.63 -19.85 14.87
CA THR A 123 -7.53 -21.30 14.62
C THR A 123 -6.35 -21.72 13.75
N PHE A 124 -5.67 -20.75 13.16
CA PHE A 124 -4.51 -21.01 12.29
C PHE A 124 -4.79 -22.14 11.30
N PRO A 125 -5.64 -21.88 10.29
CA PRO A 125 -5.97 -22.90 9.29
C PRO A 125 -4.74 -23.33 8.49
N ALA A 126 -4.62 -24.63 8.27
CA ALA A 126 -3.50 -25.19 7.54
C ALA A 126 -3.32 -24.64 6.13
N ASP A 127 -4.44 -24.42 5.43
CA ASP A 127 -4.36 -23.91 4.07
C ASP A 127 -3.94 -22.44 4.02
N SER A 128 -4.17 -21.71 5.11
CA SER A 128 -3.77 -20.30 5.16
C SER A 128 -2.27 -20.21 5.44
N LEU A 129 -1.77 -21.06 6.33
CA LEU A 129 -0.36 -21.07 6.67
C LEU A 129 0.50 -21.37 5.43
N ALA A 130 -0.01 -22.25 4.57
CA ALA A 130 0.71 -22.61 3.36
C ALA A 130 0.69 -21.43 2.41
N ARG A 131 -0.45 -20.74 2.34
CA ARG A 131 -0.57 -19.59 1.46
C ARG A 131 0.35 -18.44 1.91
N ILE A 132 0.39 -18.20 3.21
CA ILE A 132 1.24 -17.14 3.76
C ILE A 132 2.72 -17.45 3.59
N LYS A 133 3.12 -18.69 3.90
CA LYS A 133 4.51 -19.08 3.75
C LYS A 133 4.94 -18.94 2.31
N ASN A 134 4.04 -19.28 1.38
CA ASN A 134 4.33 -19.19 -0.05
C ASN A 134 4.60 -17.74 -0.46
N GLN A 135 3.81 -16.81 0.05
CA GLN A 135 4.02 -15.42 -0.31
C GLN A 135 5.22 -14.81 0.43
N LEU A 137 7.92 -16.64 1.14
CA LEU A 137 9.06 -17.21 0.42
C LEU A 137 9.25 -16.43 -0.87
N ALA A 138 8.15 -16.08 -1.52
CA ALA A 138 8.23 -15.31 -2.75
C ALA A 138 8.84 -13.95 -2.41
N GLY A 139 8.47 -13.43 -1.25
CA GLY A 139 8.99 -12.14 -0.81
C GLY A 139 10.50 -12.14 -0.69
N PHE A 140 11.07 -13.21 -0.14
CA PHE A 140 12.52 -13.29 0.02
C PHE A 140 13.22 -13.23 -1.33
N GLU A 141 12.60 -13.81 -2.35
CA GLU A 141 13.17 -13.82 -3.70
C GLU A 141 13.18 -12.40 -4.27
N TYR A 142 12.06 -11.71 -4.13
CA TYR A 142 11.94 -10.34 -4.63
C TYR A 142 12.97 -9.45 -3.93
N GLN A 143 13.12 -9.66 -2.63
CA GLN A 143 14.05 -8.88 -1.80
C GLN A 143 15.50 -8.83 -2.29
N LYS A 144 16.01 -9.95 -2.80
CA LYS A 144 17.39 -9.97 -3.26
C LYS A 144 17.61 -9.24 -4.58
N GLN A 145 16.54 -8.71 -5.15
CA GLN A 145 16.61 -7.97 -6.40
C GLN A 145 16.53 -6.48 -6.04
N ASN A 146 16.57 -6.22 -4.74
CA ASN A 146 16.48 -4.87 -4.19
C ASN A 146 17.75 -4.50 -3.41
N PRO A 147 18.54 -3.57 -3.97
CA PRO A 147 19.79 -3.12 -3.33
C PRO A 147 19.57 -2.54 -1.92
N GLY A 148 18.61 -1.63 -1.81
CA GLY A 148 18.33 -1.01 -0.52
C GLY A 148 18.00 -2.02 0.57
N LYS A 149 17.19 -3.01 0.25
CA LYS A 149 16.81 -4.04 1.24
C LYS A 149 18.04 -4.85 1.64
N LEU A 150 18.86 -5.20 0.65
CA LEU A 150 20.04 -6.00 0.92
C LEU A 150 21.03 -5.24 1.79
N ALA A 151 21.13 -3.93 1.59
CA ALA A 151 22.03 -3.11 2.38
C ALA A 151 21.46 -2.96 3.79
N SER A 152 20.14 -2.81 3.88
CA SER A 152 19.48 -2.66 5.16
C SER A 152 19.65 -3.89 6.05
N LEU A 153 19.38 -5.07 5.49
CA LEU A 153 19.52 -6.32 6.25
C LEU A 153 20.94 -6.46 6.81
N GLU A 154 21.93 -6.18 5.96
CA GLU A 154 23.34 -6.27 6.37
C GLU A 154 23.66 -5.21 7.41
N LEU A 155 23.14 -4.00 7.21
CA LEU A 155 23.40 -2.90 8.15
C LEU A 155 22.88 -3.24 9.54
N LYS A 157 22.57 -6.12 10.75
CA LYS A 157 23.39 -7.20 11.30
C LYS A 157 24.64 -6.64 11.97
N ARG A 158 25.31 -5.71 11.27
CA ARG A 158 26.53 -5.08 11.78
C ARG A 158 26.25 -4.24 13.01
N LEU A 159 25.09 -3.61 13.04
CA LEU A 159 24.68 -2.74 14.14
C LEU A 159 24.32 -3.48 15.43
N TYR A 160 23.56 -4.57 15.30
CA TYR A 160 23.10 -5.33 16.47
C TYR A 160 23.73 -6.70 16.75
N GLY A 161 24.54 -7.21 15.83
CA GLY A 161 25.16 -8.50 16.07
C GLY A 161 24.20 -9.63 16.43
N THR A 162 24.31 -10.16 17.65
CA THR A 162 23.44 -11.25 18.08
C THR A 162 22.18 -10.78 18.81
N HIS A 163 22.03 -9.46 18.91
CA HIS A 163 20.88 -8.87 19.58
C HIS A 163 19.61 -9.21 18.80
N PRO A 164 18.49 -9.44 19.52
CA PRO A 164 17.19 -9.78 18.90
C PRO A 164 16.69 -8.83 17.81
N TYR A 165 17.20 -7.59 17.77
CA TYR A 165 16.77 -6.64 16.74
C TYR A 165 17.53 -6.83 15.43
N ALA A 166 18.64 -7.56 15.48
CA ALA A 166 19.46 -7.77 14.30
C ALA A 166 18.78 -8.47 13.12
N HIS A 167 18.14 -9.61 13.37
CA HIS A 167 17.51 -10.38 12.29
C HIS A 167 16.23 -9.78 11.73
N ALA A 168 15.98 -10.06 10.46
CA ALA A 168 14.80 -9.54 9.77
C ALA A 168 13.54 -10.09 10.43
N SER A 169 12.55 -9.22 10.61
CA SER A 169 11.28 -9.58 11.22
C SER A 169 10.54 -10.73 10.53
N ASP A 170 10.62 -10.78 9.20
CA ASP A 170 9.94 -11.83 8.45
C ASP A 170 10.73 -13.13 8.38
N GLY A 171 11.83 -13.21 9.11
CA GLY A 171 12.65 -14.42 9.09
C GLY A 171 13.31 -14.57 7.73
N ASP A 172 13.59 -15.82 7.33
CA ASP A 172 14.22 -16.05 6.04
C ASP A 172 13.76 -17.36 5.39
N ALA A 173 14.25 -17.63 4.18
CA ALA A 173 13.88 -18.83 3.44
C ALA A 173 14.15 -20.13 4.17
N LYS A 174 15.12 -20.14 5.07
CA LYS A 174 15.43 -21.37 5.79
C LYS A 174 14.67 -21.52 7.09
N SER A 175 14.23 -20.41 7.66
CA SER A 175 13.52 -20.42 8.93
C SER A 175 12.00 -20.51 8.84
N ILE A 176 11.43 -20.13 7.70
CA ILE A 176 9.98 -20.15 7.51
C ILE A 176 9.34 -21.51 7.26
N PRO A 177 9.90 -22.31 6.33
CA PRO A 177 9.31 -23.62 6.05
C PRO A 177 9.04 -24.50 7.27
N PRO A 178 10.02 -24.64 8.17
CA PRO A 178 9.87 -25.46 9.39
C PRO A 178 8.79 -25.06 10.40
N ILE A 179 8.44 -23.79 10.45
CA ILE A 179 7.42 -23.32 11.41
C ILE A 179 6.11 -24.11 11.34
N THR A 180 5.73 -24.72 12.45
CA THR A 180 4.51 -25.52 12.51
C THR A 180 3.37 -24.83 13.24
N LEU A 181 2.18 -25.41 13.12
CA LEU A 181 1.00 -24.88 13.78
C LEU A 181 1.21 -24.91 15.30
N ALA A 182 1.90 -25.93 15.77
CA ALA A 182 2.19 -26.08 17.20
C ALA A 182 2.99 -24.89 17.72
N GLN A 183 3.93 -24.42 16.92
CA GLN A 183 4.76 -23.28 17.29
C GLN A 183 3.95 -21.99 17.30
N LEU A 184 3.08 -21.83 16.32
CA LEU A 184 2.26 -20.63 16.24
C LEU A 184 1.34 -20.59 17.44
N LYS A 185 0.79 -21.75 17.79
CA LYS A 185 -0.14 -21.86 18.91
C LYS A 185 0.56 -21.52 20.22
N ALA A 186 1.77 -22.04 20.37
CA ALA A 186 2.55 -21.80 21.58
C ALA A 186 3.00 -20.34 21.68
N PHE A 187 3.42 -19.76 20.55
CA PHE A 187 3.86 -18.37 20.55
C PHE A 187 2.68 -17.46 20.91
N HIS A 188 1.52 -17.73 20.32
CA HIS A 188 0.32 -16.94 20.59
C HIS A 188 -0.10 -16.99 22.05
N ALA A 189 -0.06 -18.17 22.66
CA ALA A 189 -0.46 -18.33 24.06
C ALA A 189 0.47 -17.56 25.00
N LYS A 190 1.72 -17.41 24.56
CA LYS A 190 2.73 -16.70 25.33
C LYS A 190 2.79 -15.19 25.07
N ALA A 191 2.85 -14.82 23.78
CA ALA A 191 2.99 -13.42 23.40
C ALA A 191 1.70 -12.61 23.31
N TYR A 192 0.58 -13.28 23.09
CA TYR A 192 -0.68 -12.57 23.01
C TYR A 192 -1.48 -12.65 24.31
N ALA A 193 -0.80 -13.05 25.37
CA ALA A 193 -1.43 -13.15 26.69
C ALA A 193 -1.89 -11.74 27.12
N ALA A 194 -3.01 -11.68 27.82
CA ALA A 194 -3.58 -10.41 28.27
C ALA A 194 -2.59 -9.55 29.07
N GLY A 195 -1.76 -10.18 29.90
CA GLY A 195 -0.80 -9.42 30.67
C GLY A 195 0.29 -8.81 29.83
N ASN A 196 0.36 -9.20 28.56
CA ASN A 196 1.38 -8.71 27.63
C ASN A 196 0.85 -7.71 26.61
N VAL A 197 -0.34 -7.18 26.84
CA VAL A 197 -0.93 -6.24 25.89
C VAL A 197 -1.30 -4.87 26.45
N VAL A 198 -1.31 -3.89 25.56
CA VAL A 198 -1.71 -2.53 25.90
C VAL A 198 -2.99 -2.30 25.12
N ILE A 199 -4.04 -1.84 25.78
CA ILE A 199 -5.32 -1.60 25.12
C ILE A 199 -5.58 -0.09 25.02
N ALA A 200 -5.56 0.42 23.80
CA ALA A 200 -5.78 1.85 23.58
C ALA A 200 -7.12 2.06 22.88
N LEU A 201 -7.90 3.01 23.38
CA LEU A 201 -9.23 3.29 22.83
C LEU A 201 -9.46 4.78 22.67
N VAL A 202 -9.99 5.18 21.50
CA VAL A 202 -10.28 6.58 21.25
C VAL A 202 -11.55 6.72 20.42
N GLY A 203 -12.48 7.54 20.90
CA GLY A 203 -13.70 7.74 20.13
C GLY A 203 -14.97 8.10 20.86
N ASP A 204 -16.09 7.87 20.16
CA ASP A 204 -17.41 8.19 20.67
C ASP A 204 -17.88 7.15 21.68
N LEU A 205 -17.24 7.16 22.85
CA LEU A 205 -17.59 6.21 23.90
C LEU A 205 -17.50 6.91 25.25
N SER A 206 -18.28 6.44 26.21
CA SER A 206 -18.23 6.99 27.55
C SER A 206 -17.15 6.19 28.27
N ARG A 207 -16.68 6.66 29.42
CA ARG A 207 -15.66 5.92 30.17
C ARG A 207 -16.20 4.52 30.51
N SER A 208 -17.48 4.43 30.84
CA SER A 208 -18.10 3.16 31.18
C SER A 208 -18.12 2.25 29.94
N ASP A 209 -18.44 2.83 28.79
CA ASP A 209 -18.44 2.06 27.54
C ASP A 209 -17.04 1.49 27.33
N ALA A 210 -16.05 2.32 27.54
CA ALA A 210 -14.65 1.93 27.35
C ALA A 210 -14.22 0.84 28.32
N GLU A 211 -14.68 0.95 29.57
CA GLU A 211 -14.34 -0.05 30.56
C GLU A 211 -14.84 -1.42 30.14
N ALA A 212 -16.10 -1.47 29.66
CA ALA A 212 -16.71 -2.73 29.21
C ALA A 212 -15.97 -3.31 28.00
N ILE A 213 -15.63 -2.45 27.04
CA ILE A 213 -14.92 -2.89 25.84
C ILE A 213 -13.55 -3.47 26.22
N ALA A 214 -12.83 -2.74 27.05
CA ALA A 214 -11.51 -3.21 27.45
C ALA A 214 -11.55 -4.52 28.23
N ALA A 215 -12.53 -4.65 29.13
CA ALA A 215 -12.65 -5.87 29.90
C ALA A 215 -12.98 -7.06 29.01
N GLN A 216 -13.82 -6.82 28.00
CA GLN A 216 -14.22 -7.87 27.09
C GLN A 216 -13.07 -8.36 26.23
N VAL A 217 -12.30 -7.43 25.68
CA VAL A 217 -11.17 -7.80 24.84
C VAL A 217 -10.13 -8.52 25.68
N SER A 218 -9.83 -7.95 26.84
CA SER A 218 -8.86 -8.54 27.75
C SER A 218 -9.22 -9.96 28.15
N ALA A 219 -10.51 -10.21 28.42
CA ALA A 219 -10.96 -11.54 28.84
C ALA A 219 -10.90 -12.61 27.75
N ALA A 220 -10.97 -12.17 26.49
CA ALA A 220 -10.94 -13.07 25.34
C ALA A 220 -9.52 -13.52 24.96
N LEU A 221 -8.51 -12.79 25.45
CA LEU A 221 -7.13 -13.13 25.15
C LEU A 221 -6.64 -14.27 26.03
N PRO A 222 -5.56 -14.94 25.62
CA PRO A 222 -5.05 -16.03 26.46
C PRO A 222 -4.59 -15.38 27.77
N LYS A 223 -4.67 -16.11 28.88
CA LYS A 223 -4.24 -15.58 30.17
C LYS A 223 -2.74 -15.80 30.31
N GLY A 224 -2.05 -14.80 30.85
CA GLY A 224 -0.61 -14.94 31.02
C GLY A 224 0.06 -13.62 31.37
N PRO A 225 1.30 -13.66 31.86
CA PRO A 225 1.99 -12.41 32.22
C PRO A 225 2.70 -11.74 31.05
N ALA A 226 3.23 -10.56 31.31
CA ALA A 226 3.96 -9.81 30.30
C ALA A 226 5.31 -10.49 30.13
N LEU A 227 5.87 -10.44 28.93
CA LEU A 227 7.17 -11.04 28.67
C LEU A 227 8.22 -10.08 29.19
N ALA A 228 9.41 -10.61 29.49
CA ALA A 228 10.49 -9.77 29.98
C ALA A 228 11.00 -8.84 28.89
N LYS A 229 11.46 -7.66 29.28
CA LYS A 229 11.97 -6.70 28.32
C LYS A 229 13.32 -7.13 27.77
N ILE A 230 13.59 -6.75 26.53
CA ILE A 230 14.84 -7.10 25.86
C ILE A 230 15.97 -6.24 26.40
N GLU A 231 17.16 -6.83 26.49
CA GLU A 231 18.32 -6.12 27.01
C GLU A 231 18.85 -5.12 25.99
N GLN A 232 19.73 -4.24 26.44
CA GLN A 232 20.32 -3.23 25.57
C GLN A 232 21.45 -3.82 24.73
N PRO A 233 21.58 -3.38 23.46
CA PRO A 233 22.62 -3.89 22.57
C PRO A 233 23.97 -3.29 22.95
N ALA A 234 25.04 -3.90 22.46
CA ALA A 234 26.38 -3.41 22.71
C ALA A 234 26.71 -2.41 21.62
N GLU A 235 27.56 -1.43 21.94
CA GLU A 235 27.98 -0.43 20.97
C GLU A 235 28.82 -1.11 19.90
N PRO A 236 28.33 -1.15 18.65
CA PRO A 236 29.11 -1.78 17.58
C PRO A 236 30.30 -0.92 17.17
N LYS A 237 31.34 -1.55 16.64
CA LYS A 237 32.51 -0.81 16.19
C LYS A 237 32.23 -0.23 14.81
N ALA A 238 32.80 0.93 14.51
CA ALA A 238 32.58 1.56 13.21
C ALA A 238 33.14 0.65 12.12
N SER A 239 32.42 0.55 11.01
CA SER A 239 32.87 -0.28 9.90
C SER A 239 32.19 0.11 8.61
N ILE A 240 32.78 -0.29 7.49
CA ILE A 240 32.22 0.00 6.18
C ILE A 240 32.13 -1.29 5.38
N GLY A 241 30.96 -1.54 4.81
CA GLY A 241 30.76 -2.74 4.03
C GLY A 241 30.16 -2.41 2.68
N HIS A 242 30.45 -3.25 1.69
CA HIS A 242 29.93 -3.04 0.36
C HIS A 242 29.36 -4.33 -0.20
N ILE A 243 28.17 -4.23 -0.78
CA ILE A 243 27.53 -5.39 -1.38
C ILE A 243 27.51 -5.17 -2.88
N GLU A 244 28.27 -5.98 -3.61
CA GLU A 244 28.35 -5.87 -5.06
C GLU A 244 27.02 -6.20 -5.71
N PHE A 245 26.50 -5.24 -6.48
CA PHE A 245 25.23 -5.41 -7.17
C PHE A 245 25.39 -4.64 -8.49
N PRO A 246 25.59 -5.36 -9.60
CA PRO A 246 25.77 -4.81 -10.95
C PRO A 246 24.70 -3.85 -11.45
N SER A 247 23.73 -3.51 -10.61
CA SER A 247 22.66 -2.58 -10.99
C SER A 247 23.25 -1.15 -11.21
N SER A 248 22.43 -0.21 -11.66
CA SER A 248 22.86 1.15 -12.07
C SER A 248 22.96 2.32 -11.10
N GLN A 249 22.29 2.22 -9.96
CA GLN A 249 22.35 3.31 -8.99
C GLN A 249 23.05 2.72 -7.79
N THR A 250 23.45 3.52 -6.83
CA THR A 250 24.07 2.96 -5.65
C THR A 250 23.32 3.37 -4.40
N SER A 251 23.02 2.39 -3.56
CA SER A 251 22.31 2.64 -2.32
C SER A 251 23.30 2.85 -1.20
N LEU A 252 23.14 3.96 -0.48
CA LEU A 252 24.01 4.33 0.63
C LEU A 252 23.24 4.37 1.93
N LEU A 254 23.92 4.81 6.25
CA LEU A 254 24.82 5.08 7.37
C LEU A 254 23.99 4.95 8.62
N ALA A 255 24.58 4.44 9.69
CA ALA A 255 23.83 4.26 10.92
C ALA A 255 24.71 3.97 12.12
N GLN A 256 24.07 4.09 13.29
CA GLN A 256 24.69 3.82 14.57
C GLN A 256 23.54 3.72 15.54
N LEU A 257 23.80 3.28 16.76
CA LEU A 257 22.74 3.14 17.73
C LEU A 257 22.16 4.50 18.10
N GLY A 258 20.84 4.59 18.08
CA GLY A 258 20.17 5.82 18.42
C GLY A 258 19.72 5.76 19.87
N ILE A 259 18.52 6.30 20.13
CA ILE A 259 17.99 6.31 21.49
C ILE A 259 16.86 5.30 21.62
N ASP A 260 16.45 5.02 22.86
CA ASP A 260 15.33 4.14 23.10
C ASP A 260 14.14 5.10 23.22
N ARG A 261 12.94 4.59 22.98
CA ARG A 261 11.73 5.42 22.98
C ARG A 261 11.44 6.30 24.19
N ASP A 262 11.77 5.84 25.40
CA ASP A 262 11.48 6.65 26.57
C ASP A 262 12.60 7.58 27.02
N ASP A 263 13.61 7.76 26.16
CA ASP A 263 14.74 8.63 26.49
C ASP A 263 14.21 10.06 26.59
N PRO A 264 14.62 10.81 27.62
CA PRO A 264 14.19 12.19 27.86
C PRO A 264 14.49 13.18 26.73
N ASP A 265 15.59 12.95 25.99
CA ASP A 265 15.96 13.83 24.89
C ASP A 265 15.19 13.56 23.61
N TYR A 266 14.17 12.73 23.69
CA TYR A 266 13.39 12.39 22.50
C TYR A 266 12.93 13.59 21.70
N ALA A 267 12.31 14.56 22.36
CA ALA A 267 11.83 15.75 21.68
C ALA A 267 12.96 16.55 21.03
N ALA A 268 14.07 16.67 21.75
CA ALA A 268 15.21 17.41 21.25
C ALA A 268 15.85 16.74 20.03
N VAL A 269 16.00 15.41 20.07
CA VAL A 269 16.61 14.71 18.94
C VAL A 269 15.65 14.60 17.77
N SER A 270 14.35 14.61 18.06
CA SER A 270 13.36 14.53 16.99
C SER A 270 13.42 15.82 16.17
N LEU A 271 13.51 16.95 16.86
CA LEU A 271 13.57 18.23 16.16
C LEU A 271 14.92 18.39 15.46
N GLY A 272 15.98 17.90 16.09
CA GLY A 272 17.29 17.99 15.49
C GLY A 272 17.34 17.14 14.23
N ASN A 273 16.70 15.97 14.27
CA ASN A 273 16.67 15.09 13.11
C ASN A 273 15.84 15.70 12.01
N GLN A 274 14.74 16.34 12.38
CA GLN A 274 13.86 16.96 11.40
C GLN A 274 14.65 17.95 10.55
N ILE A 275 15.46 18.78 11.21
CA ILE A 275 16.28 19.78 10.53
C ILE A 275 17.37 19.15 9.65
N LEU A 276 17.93 18.05 10.12
CA LEU A 276 18.98 17.35 9.39
C LEU A 276 18.51 16.58 8.17
N GLY A 277 17.49 15.74 8.35
CA GLY A 277 16.99 14.94 7.24
C GLY A 277 15.54 14.50 7.33
N GLY A 278 14.68 15.35 7.86
CA GLY A 278 13.28 15.02 7.95
C GLY A 278 12.63 15.21 6.58
N GLY A 279 11.34 15.48 6.55
CA GLY A 279 10.68 15.69 5.27
C GLY A 279 10.95 17.09 4.74
N GLY A 280 10.71 17.29 3.44
CA GLY A 280 10.92 18.60 2.85
C GLY A 280 12.24 18.81 2.15
N PHE A 281 12.31 19.85 1.31
CA PHE A 281 13.51 20.17 0.57
C PHE A 281 14.41 21.11 1.38
N GLY A 282 13.90 21.57 2.52
CA GLY A 282 14.65 22.50 3.36
C GLY A 282 15.67 21.90 4.31
N THR A 283 15.61 20.59 4.53
CA THR A 283 16.55 19.95 5.45
C THR A 283 18.01 20.14 5.00
N ARG A 284 18.94 19.99 5.93
CA ARG A 284 20.36 20.16 5.64
C ARG A 284 20.81 19.20 4.55
N LEU A 285 20.47 17.92 4.72
CA LEU A 285 20.84 16.89 3.76
C LEU A 285 20.22 17.09 2.37
N SER A 287 19.13 19.84 1.09
CA SER A 287 19.66 21.09 0.56
C SER A 287 21.04 20.92 -0.06
N GLU A 288 21.95 20.28 0.67
CA GLU A 288 23.31 20.06 0.20
C GLU A 288 23.46 19.03 -0.90
N VAL A 289 22.82 17.87 -0.75
CA VAL A 289 22.95 16.80 -1.73
C VAL A 289 22.04 16.92 -2.95
N ARG A 290 20.79 17.30 -2.74
CA ARG A 290 19.85 17.45 -3.84
C ARG A 290 19.82 18.85 -4.42
N GLU A 291 19.46 19.83 -3.58
CA GLU A 291 19.35 21.22 -3.99
C GLU A 291 20.58 21.85 -4.65
N LYS A 292 21.70 21.88 -3.93
CA LYS A 292 22.93 22.46 -4.44
C LYS A 292 23.73 21.59 -5.41
N ARG A 293 23.76 20.28 -5.15
CA ARG A 293 24.54 19.37 -5.97
C ARG A 293 23.76 18.48 -6.95
N GLY A 294 22.45 18.35 -6.75
CA GLY A 294 21.66 17.51 -7.64
C GLY A 294 22.16 16.07 -7.70
N LEU A 295 22.60 15.54 -6.56
CA LEU A 295 23.13 14.18 -6.50
C LEU A 295 22.13 13.09 -6.11
N THR A 296 20.89 13.48 -5.81
CA THR A 296 19.88 12.51 -5.41
C THR A 296 18.49 13.12 -5.40
N TYR A 297 17.47 12.27 -5.35
CA TYR A 297 16.10 12.77 -5.30
C TYR A 297 15.58 12.68 -3.88
N GLY A 298 16.28 11.92 -3.04
CA GLY A 298 15.84 11.81 -1.67
C GLY A 298 16.88 11.28 -0.70
N VAL A 299 17.15 12.06 0.34
CA VAL A 299 18.10 11.67 1.37
C VAL A 299 17.37 11.97 2.67
N TYR A 300 17.20 10.92 3.48
CA TYR A 300 16.50 11.06 4.74
C TYR A 300 17.27 10.43 5.89
N SER A 301 17.05 10.97 7.09
CA SER A 301 17.69 10.47 8.29
C SER A 301 16.60 10.33 9.34
N GLY A 302 16.84 9.51 10.35
CA GLY A 302 15.83 9.36 11.37
C GLY A 302 16.15 8.34 12.44
N PHE A 303 15.53 8.54 13.60
CA PHE A 303 15.65 7.65 14.75
C PHE A 303 14.45 6.72 14.75
N THR A 304 14.66 5.46 15.13
CA THR A 304 13.56 4.51 15.24
C THR A 304 13.69 3.99 16.66
N PRO A 305 13.31 4.81 17.66
CA PRO A 305 13.37 4.46 19.08
C PRO A 305 12.51 3.24 19.40
N GLN A 307 12.08 -0.32 22.44
CA GLN A 307 12.21 -0.67 23.85
C GLN A 307 13.68 -0.55 24.22
N ALA A 308 14.54 -1.14 23.39
CA ALA A 308 15.98 -1.05 23.60
C ALA A 308 16.44 0.02 22.61
N ARG A 309 17.72 0.37 22.64
CA ARG A 309 18.21 1.40 21.72
C ARG A 309 17.93 1.06 20.26
N GLY A 310 17.12 1.92 19.64
CA GLY A 310 16.78 1.74 18.24
C GLY A 310 17.88 2.37 17.41
N PRO A 311 17.87 2.19 16.10
CA PRO A 311 18.94 2.80 15.31
C PRO A 311 18.68 4.23 14.82
N PHE A 312 19.77 4.90 14.46
CA PHE A 312 19.71 6.22 13.87
C PHE A 312 20.25 5.87 12.50
N ILE A 314 20.64 7.05 8.09
CA ILE A 314 20.58 8.00 6.99
C ILE A 314 20.63 7.15 5.74
N ASN A 315 19.75 7.41 4.78
CA ASN A 315 19.77 6.63 3.55
C ASN A 315 19.45 7.45 2.31
N LEU A 316 20.04 7.04 1.20
CA LEU A 316 19.83 7.71 -0.08
C LEU A 316 20.33 6.82 -1.20
N GLN A 317 20.03 7.24 -2.43
CA GLN A 317 20.44 6.52 -3.63
C GLN A 317 21.01 7.56 -4.59
N THR A 318 22.09 7.22 -5.28
CA THR A 318 22.73 8.13 -6.21
C THR A 318 23.32 7.34 -7.37
N ARG A 319 23.77 8.04 -8.40
CA ARG A 319 24.39 7.41 -9.54
C ARG A 319 25.64 6.71 -9.02
N ALA A 320 25.88 5.49 -9.49
CA ALA A 320 27.04 4.71 -9.06
C ALA A 320 28.35 5.47 -9.14
N GLU A 321 28.54 6.23 -10.22
CA GLU A 321 29.76 7.00 -10.42
C GLU A 321 29.89 8.19 -9.48
N SER A 323 28.66 7.90 -6.13
CA SER A 323 28.54 7.34 -4.79
C SER A 323 29.72 7.62 -3.86
N GLU A 324 30.93 7.44 -4.38
CA GLU A 324 32.13 7.67 -3.59
C GLU A 324 32.17 9.10 -3.05
N GLY A 325 31.89 10.07 -3.92
CA GLY A 325 31.92 11.46 -3.50
C GLY A 325 30.72 11.86 -2.67
N THR A 326 29.55 11.32 -3.01
CA THR A 326 28.33 11.65 -2.29
C THR A 326 28.38 11.17 -0.84
N LEU A 327 28.98 10.01 -0.62
CA LEU A 327 29.10 9.47 0.73
C LEU A 327 29.96 10.37 1.61
N LYS A 328 31.03 10.90 1.03
CA LYS A 328 31.92 11.80 1.76
C LYS A 328 31.17 13.07 2.12
N LEU A 329 30.40 13.58 1.16
CA LEU A 329 29.61 14.78 1.35
C LEU A 329 28.62 14.61 2.50
N VAL A 330 27.85 13.54 2.48
CA VAL A 330 26.87 13.28 3.52
C VAL A 330 27.55 13.24 4.88
N GLN A 331 28.68 12.54 4.95
CA GLN A 331 29.42 12.44 6.20
C GLN A 331 29.88 13.82 6.67
N ASP A 332 30.37 14.65 5.75
CA ASP A 332 30.83 15.99 6.09
C ASP A 332 29.66 16.83 6.56
N VAL A 333 28.53 16.72 5.86
CA VAL A 333 27.34 17.46 6.24
C VAL A 333 26.90 17.03 7.64
N PHE A 334 27.00 15.74 7.91
CA PHE A 334 26.62 15.21 9.22
C PHE A 334 27.57 15.73 10.30
N ALA A 335 28.87 15.65 10.02
CA ALA A 335 29.88 16.10 10.98
C ALA A 335 29.66 17.59 11.27
N GLU A 336 29.47 18.36 10.21
CA GLU A 336 29.26 19.79 10.29
C GLU A 336 28.01 20.12 11.12
N TYR A 337 26.96 19.31 10.96
CA TYR A 337 25.73 19.54 11.71
C TYR A 337 25.93 19.31 13.22
N LEU A 338 26.59 18.21 13.57
CA LEU A 338 26.82 17.91 14.99
C LEU A 338 27.76 18.93 15.61
N LYS A 339 28.69 19.41 14.80
CA LYS A 339 29.67 20.39 15.23
C LYS A 339 29.09 21.76 15.54
N ASN A 340 28.31 22.33 14.61
CA ASN A 340 27.76 23.66 14.82
C ASN A 340 26.30 23.73 15.21
N GLY A 341 25.58 22.62 15.06
CA GLY A 341 24.17 22.63 15.41
C GLY A 341 23.34 23.31 14.35
N PRO A 342 22.04 23.46 14.58
CA PRO A 342 21.15 24.10 13.61
C PRO A 342 21.14 25.63 13.79
N THR A 343 20.77 26.34 12.73
CA THR A 343 20.71 27.80 12.79
C THR A 343 19.34 28.19 13.34
N GLN A 344 19.22 29.41 13.87
CA GLN A 344 17.94 29.89 14.41
C GLN A 344 16.83 29.71 13.39
N LYS A 345 17.13 30.06 12.14
CA LYS A 345 16.13 29.93 11.08
C LYS A 345 15.63 28.50 10.99
N GLU A 346 16.55 27.54 10.90
CA GLU A 346 16.19 26.13 10.81
C GLU A 346 15.35 25.68 11.98
N LEU A 347 15.71 26.12 13.18
CA LEU A 347 14.98 25.75 14.38
C LEU A 347 13.55 26.29 14.35
N ASP A 348 13.38 27.55 13.97
CA ASP A 348 12.04 28.15 13.92
C ASP A 348 11.16 27.49 12.87
N ASP A 349 11.72 27.30 11.68
CA ASP A 349 11.00 26.65 10.60
C ASP A 349 10.54 25.26 11.04
N ALA A 350 11.45 24.51 11.65
CA ALA A 350 11.12 23.17 12.12
C ALA A 350 9.99 23.21 13.15
N LYS A 351 10.12 24.09 14.14
CA LYS A 351 9.09 24.21 15.17
C LYS A 351 7.76 24.58 14.52
N ARG A 352 7.80 25.46 13.51
CA ARG A 352 6.58 25.86 12.84
C ARG A 352 5.97 24.69 12.07
N GLU A 353 6.81 23.92 11.39
CA GLU A 353 6.33 22.75 10.65
C GLU A 353 5.74 21.74 11.62
N LEU A 354 6.45 21.53 12.72
CA LEU A 354 6.03 20.57 13.74
C LEU A 354 4.69 20.98 14.34
N ALA A 355 4.59 22.24 14.75
CA ALA A 355 3.36 22.77 15.34
C ALA A 355 2.19 22.52 14.40
N GLY A 356 2.32 22.95 13.15
CA GLY A 356 1.25 22.73 12.19
C GLY A 356 0.94 21.26 12.11
N SER A 357 1.86 20.49 11.53
CA SER A 357 1.71 19.05 11.39
C SER A 357 1.11 18.44 12.66
N SER A 361 -5.87 20.30 18.85
CA SER A 361 -7.21 19.73 19.03
C SER A 361 -7.80 19.32 17.68
N THR A 362 -6.91 19.08 16.72
CA THR A 362 -7.30 18.67 15.39
C THR A 362 -6.94 17.20 15.13
N ALA A 363 -6.28 16.58 16.09
CA ALA A 363 -5.85 15.19 15.95
C ALA A 363 -7.03 14.20 15.86
N SER A 364 -6.94 13.29 14.89
CA SER A 364 -7.98 12.30 14.66
C SER A 364 -7.87 11.15 15.66
N ASN A 365 -8.91 10.33 15.72
CA ASN A 365 -8.90 9.20 16.62
C ASN A 365 -7.74 8.25 16.31
N ALA A 366 -7.46 8.03 15.02
CA ALA A 366 -6.38 7.13 14.61
C ALA A 366 -5.01 7.63 15.05
N ASP A 367 -4.78 8.93 14.92
CA ASP A 367 -3.50 9.49 15.32
C ASP A 367 -3.34 9.41 16.84
N ILE A 368 -4.40 9.76 17.56
CA ILE A 368 -4.36 9.72 19.03
C ILE A 368 -4.17 8.29 19.52
N VAL A 369 -4.98 7.36 19.03
CA VAL A 369 -4.87 5.98 19.46
C VAL A 369 -3.45 5.43 19.23
N GLY A 370 -2.81 5.88 18.16
CA GLY A 370 -1.43 5.45 17.89
C GLY A 370 -0.47 5.89 18.99
N GLN A 371 -0.61 7.14 19.41
CA GLN A 371 0.24 7.69 20.46
C GLN A 371 -0.04 7.05 21.81
N LEU A 372 -1.33 6.80 22.09
CA LEU A 372 -1.72 6.17 23.35
C LEU A 372 -1.10 4.79 23.47
N GLY A 373 -1.08 4.06 22.36
CA GLY A 373 -0.50 2.74 22.36
C GLY A 373 0.97 2.81 22.71
N ALA A 374 1.68 3.76 22.12
CA ALA A 374 3.11 3.93 22.38
C ALA A 374 3.31 4.39 23.83
N GLY A 376 1.48 3.69 26.43
CA GLY A 376 1.30 2.54 27.29
C GLY A 376 2.39 1.50 27.16
N PHE A 377 2.77 1.18 25.92
CA PHE A 377 3.78 0.18 25.66
C PHE A 377 5.15 0.58 26.20
N TYR A 378 5.51 1.85 26.04
CA TYR A 378 6.81 2.33 26.49
C TYR A 378 6.80 3.03 27.85
N ASN A 379 5.66 2.96 28.53
CA ASN A 379 5.51 3.59 29.84
C ASN A 379 5.91 5.06 29.85
N LEU A 380 5.32 5.84 28.95
CA LEU A 380 5.61 7.27 28.88
C LEU A 380 4.63 7.96 29.83
N PRO A 381 4.98 9.15 30.33
CA PRO A 381 4.08 9.86 31.25
C PRO A 381 2.68 10.10 30.67
N LEU A 382 1.68 10.10 31.54
CA LEU A 382 0.31 10.29 31.10
C LEU A 382 0.13 11.63 30.35
N SER A 383 0.96 12.60 30.67
CA SER A 383 0.89 13.92 30.04
C SER A 383 1.87 14.03 28.89
N TYR A 384 2.34 12.89 28.38
CA TYR A 384 3.32 12.88 27.30
C TYR A 384 2.96 13.78 26.12
N LEU A 385 1.73 13.68 25.63
CA LEU A 385 1.29 14.47 24.50
C LEU A 385 1.52 15.96 24.74
N GLU A 386 0.93 16.48 25.81
CA GLU A 386 1.07 17.89 26.14
C GLU A 386 2.52 18.28 26.37
N ASP A 387 3.29 17.40 27.01
CA ASP A 387 4.69 17.69 27.29
C ASP A 387 5.52 17.75 26.01
N PHE A 388 5.19 16.90 25.04
CA PHE A 388 5.93 16.88 23.79
C PHE A 388 5.83 18.22 23.06
N ARG A 390 4.89 21.28 24.33
CA ARG A 390 5.50 22.33 25.13
C ARG A 390 7.02 22.30 24.96
N GLN A 391 7.63 21.16 25.27
CA GLN A 391 9.07 21.00 25.16
C GLN A 391 9.62 21.29 23.76
N SER A 392 8.97 20.74 22.75
CA SER A 392 9.41 20.95 21.37
C SER A 392 9.49 22.43 21.03
N GLN A 393 8.37 23.13 21.19
CA GLN A 393 8.31 24.56 20.89
C GLN A 393 9.28 25.41 21.73
N GLU A 394 9.79 24.86 22.82
CA GLU A 394 10.71 25.61 23.69
C GLU A 394 12.20 25.32 23.53
N LEU A 395 12.54 24.32 22.73
CA LEU A 395 13.94 23.96 22.52
C LEU A 395 14.77 25.09 21.91
N THR A 396 16.02 25.19 22.33
CA THR A 396 16.92 26.20 21.81
C THR A 396 17.97 25.51 20.93
N VAL A 397 18.65 26.30 20.09
CA VAL A 397 19.68 25.75 19.21
C VAL A 397 20.74 25.02 20.03
N GLU A 398 21.06 25.57 21.20
CA GLU A 398 22.05 24.99 22.09
C GLU A 398 21.60 23.64 22.63
N GLN A 399 20.32 23.54 23.01
CA GLN A 399 19.79 22.28 23.55
C GLN A 399 19.71 21.20 22.49
N VAL A 400 19.34 21.57 21.27
CA VAL A 400 19.28 20.60 20.19
C VAL A 400 20.69 20.11 19.86
N LYS A 401 21.63 21.05 19.72
CA LYS A 401 23.00 20.68 19.43
C LYS A 401 23.58 19.75 20.50
N ALA A 402 23.27 20.04 21.76
CA ALA A 402 23.79 19.22 22.86
C ALA A 402 23.21 17.81 22.79
N ALA A 403 21.90 17.72 22.60
CA ALA A 403 21.22 16.43 22.53
C ALA A 403 21.75 15.55 21.41
N ASN A 405 24.60 15.70 19.95
CA ASN A 405 25.98 15.33 20.26
C ASN A 405 26.03 14.31 21.40
N LYS A 406 25.01 14.31 22.26
CA LYS A 406 25.00 13.39 23.38
C LYS A 406 24.60 11.98 22.96
N HIS A 407 23.94 11.85 21.82
CA HIS A 407 23.50 10.54 21.36
C HIS A 407 24.13 10.05 20.07
N LEU A 408 24.82 10.95 19.36
CA LEU A 408 25.46 10.58 18.10
C LEU A 408 26.91 11.02 18.05
N ASN A 409 27.72 10.27 17.31
CA ASN A 409 29.14 10.58 17.17
C ASN A 409 29.57 10.15 15.78
N VAL A 410 30.31 11.03 15.10
CA VAL A 410 30.77 10.73 13.75
C VAL A 410 31.70 9.52 13.67
N ASP A 411 32.38 9.22 14.77
CA ASP A 411 33.32 8.08 14.81
C ASP A 411 32.65 6.73 15.02
N LYS A 412 31.34 6.72 15.22
CA LYS A 412 30.63 5.47 15.48
C LYS A 412 29.77 4.95 14.34
N VAL A 414 28.32 3.18 11.12
CA VAL A 414 28.48 1.91 10.43
C VAL A 414 27.91 2.19 9.06
N ILE A 415 28.70 1.98 8.03
CA ILE A 415 28.26 2.26 6.68
C ILE A 415 28.16 1.03 5.79
N VAL A 416 27.07 0.95 5.03
CA VAL A 416 26.86 -0.16 4.13
C VAL A 416 26.29 0.35 2.82
N SER A 417 26.98 0.05 1.73
CA SER A 417 26.53 0.46 0.40
C SER A 417 26.30 -0.77 -0.46
N ALA A 418 25.37 -0.66 -1.38
CA ALA A 418 25.06 -1.76 -2.29
C ALA A 418 24.98 -1.17 -3.69
N GLY A 419 25.85 -1.65 -4.56
CA GLY A 419 25.88 -1.15 -5.93
C GLY A 419 27.08 -1.73 -6.64
N PRO A 420 27.36 -1.29 -7.88
CA PRO A 420 28.49 -1.79 -8.65
C PRO A 420 29.77 -1.02 -8.32
N THR A 421 30.91 -1.66 -8.58
CA THR A 421 32.20 -1.00 -8.34
C THR A 421 32.59 -0.37 -9.67
N VAL A 422 32.45 0.95 -9.75
CA VAL A 422 32.76 1.68 -10.98
C VAL A 422 33.64 2.90 -10.77
N ALA A 423 34.25 3.37 -11.87
CA ALA A 423 35.12 4.54 -11.83
C ALA A 423 34.34 5.77 -11.38
N GLN A 424 34.93 6.54 -10.48
CA GLN A 424 34.31 7.76 -9.94
C GLN A 424 34.45 8.91 -10.93
N LYS A 425 33.34 9.61 -11.21
CA LYS A 425 33.39 10.72 -12.17
C LYS A 425 33.44 12.13 -11.58
N PRO A 426 33.70 12.27 -10.27
CA PRO A 426 33.74 13.65 -9.74
C PRO A 426 34.94 14.44 -10.29
N LEU B 12 -29.90 -6.37 -7.31
CA LEU B 12 -30.24 -5.03 -6.75
C LEU B 12 -30.89 -4.16 -7.80
N ASN B 13 -31.47 -3.04 -7.35
CA ASN B 13 -32.17 -2.12 -8.21
C ASN B 13 -31.32 -0.92 -8.64
N VAL B 14 -30.55 -1.09 -9.70
CA VAL B 14 -29.67 -0.02 -10.19
C VAL B 14 -30.44 1.07 -10.93
N GLN B 15 -30.36 2.28 -10.40
CA GLN B 15 -31.03 3.43 -10.98
C GLN B 15 -30.04 4.30 -11.73
N THR B 16 -30.47 4.87 -12.84
CA THR B 16 -29.56 5.70 -13.63
C THR B 16 -30.28 6.91 -14.24
N TRP B 17 -29.51 7.96 -14.47
CA TRP B 17 -30.03 9.18 -15.07
C TRP B 17 -28.83 10.06 -15.40
N SER B 18 -29.07 11.24 -15.96
CA SER B 18 -27.99 12.14 -16.30
C SER B 18 -28.27 13.51 -15.69
N THR B 19 -27.22 14.29 -15.44
CA THR B 19 -27.40 15.61 -14.87
C THR B 19 -27.53 16.61 -16.01
N ALA B 20 -27.85 17.86 -15.70
CA ALA B 20 -27.98 18.90 -16.71
C ALA B 20 -26.68 19.14 -17.45
N GLU B 21 -25.55 18.94 -16.77
CA GLU B 21 -24.23 19.14 -17.38
C GLU B 21 -23.76 17.97 -18.23
N GLY B 22 -24.51 16.87 -18.22
CA GLY B 22 -24.16 15.73 -19.03
C GLY B 22 -23.50 14.58 -18.31
N ALA B 23 -23.46 14.60 -16.98
CA ALA B 23 -22.84 13.49 -16.27
C ALA B 23 -23.76 12.27 -16.24
N LYS B 24 -23.14 11.09 -16.33
CA LYS B 24 -23.84 9.81 -16.29
C LYS B 24 -23.93 9.42 -14.81
N VAL B 25 -25.14 9.16 -14.31
CA VAL B 25 -25.29 8.77 -12.91
C VAL B 25 -25.88 7.37 -12.74
N LEU B 26 -25.28 6.59 -11.86
CA LEU B 26 -25.75 5.24 -11.53
C LEU B 26 -25.83 5.22 -10.01
N PHE B 27 -26.91 4.66 -9.47
CA PHE B 27 -27.12 4.64 -8.03
C PHE B 27 -27.79 3.37 -7.53
N VAL B 28 -27.34 2.92 -6.37
CA VAL B 28 -27.91 1.75 -5.73
C VAL B 28 -28.14 2.11 -4.27
N GLU B 29 -29.39 1.97 -3.84
CA GLU B 29 -29.76 2.25 -2.46
C GLU B 29 -29.43 1.06 -1.59
N ALA B 30 -28.68 1.30 -0.52
CA ALA B 30 -28.28 0.26 0.42
C ALA B 30 -28.33 0.92 1.79
N ARG B 31 -29.29 0.52 2.61
CA ARG B 31 -29.50 1.09 3.94
C ARG B 31 -28.89 0.34 5.10
N GLU B 32 -28.14 -0.73 4.83
CA GLU B 32 -27.55 -1.52 5.90
C GLU B 32 -26.60 -0.75 6.81
N LEU B 33 -25.82 0.16 6.23
CA LEU B 33 -24.87 0.95 7.01
C LEU B 33 -25.11 2.45 6.81
N PRO B 34 -24.93 3.24 7.88
CA PRO B 34 -25.14 4.68 7.81
C PRO B 34 -23.98 5.38 7.09
N PHE B 36 -22.07 5.92 2.76
CA PHE B 36 -22.23 5.82 1.32
C PHE B 36 -20.90 6.01 0.61
N ASP B 37 -20.82 5.49 -0.61
CA ASP B 37 -19.63 5.60 -1.43
C ASP B 37 -20.00 6.34 -2.70
N LEU B 38 -19.21 7.36 -3.03
CA LEU B 38 -19.38 8.17 -4.22
C LEU B 38 -18.11 7.99 -5.04
N ARG B 39 -18.24 7.58 -6.28
CA ARG B 39 -17.06 7.37 -7.10
C ARG B 39 -17.24 8.09 -8.44
N LEU B 40 -16.26 8.90 -8.80
CA LEU B 40 -16.33 9.62 -10.06
C LEU B 40 -15.28 9.00 -11.00
N ILE B 41 -15.72 8.58 -12.18
CA ILE B 41 -14.82 8.00 -13.15
C ILE B 41 -14.77 8.94 -14.37
N PHE B 42 -13.58 9.45 -14.66
CA PHE B 42 -13.37 10.36 -15.78
C PHE B 42 -12.60 9.67 -16.90
N ALA B 43 -12.86 10.08 -18.14
CA ALA B 43 -12.12 9.54 -19.27
C ALA B 43 -10.88 10.45 -19.29
N ALA B 44 -10.07 10.30 -18.25
CA ALA B 44 -8.87 11.11 -18.09
C ALA B 44 -7.65 10.28 -17.69
N GLY B 45 -7.55 9.10 -18.30
CA GLY B 45 -6.41 8.23 -18.06
C GLY B 45 -5.25 8.70 -18.93
N SER B 46 -4.12 8.00 -18.86
CA SER B 46 -2.94 8.36 -19.64
C SER B 46 -3.15 8.27 -21.15
N SER B 47 -4.19 7.56 -21.57
CA SER B 47 -4.49 7.44 -23.00
C SER B 47 -4.83 8.83 -23.56
N GLN B 48 -5.17 9.77 -22.68
CA GLN B 48 -5.50 11.12 -23.11
C GLN B 48 -4.30 12.06 -23.01
N ASP B 49 -3.13 11.52 -22.64
CA ASP B 49 -1.91 12.29 -22.48
C ASP B 49 -1.46 13.11 -23.69
N GLY B 50 -1.73 12.60 -24.89
CA GLY B 50 -1.31 13.32 -26.07
C GLY B 50 0.20 13.46 -26.07
N ASN B 51 0.68 14.67 -26.31
CA ASN B 51 2.11 14.95 -26.37
C ASN B 51 2.79 15.20 -25.02
N ALA B 52 2.07 15.03 -23.93
CA ALA B 52 2.66 15.25 -22.60
C ALA B 52 2.51 14.02 -21.70
N PRO B 53 3.30 12.96 -21.95
CA PRO B 53 3.24 11.74 -21.15
C PRO B 53 3.34 12.03 -19.66
N GLY B 54 2.35 11.57 -18.90
CA GLY B 54 2.34 11.77 -17.47
C GLY B 54 1.41 12.85 -16.96
N VAL B 55 0.94 13.72 -17.86
CA VAL B 55 0.06 14.81 -17.43
C VAL B 55 -1.26 14.36 -16.78
N ALA B 56 -1.83 13.25 -17.22
CA ALA B 56 -3.08 12.76 -16.64
C ALA B 56 -2.85 12.32 -15.19
N LEU B 57 -1.78 11.58 -14.96
CA LEU B 57 -1.46 11.09 -13.63
C LEU B 57 -1.12 12.24 -12.68
N LEU B 58 -0.34 13.18 -13.19
CA LEU B 58 0.06 14.34 -12.40
C LEU B 58 -1.19 15.16 -12.02
N THR B 59 -2.07 15.38 -12.99
CA THR B 59 -3.29 16.15 -12.71
C THR B 59 -4.13 15.47 -11.62
N ASN B 60 -4.29 14.15 -11.72
CA ASN B 60 -5.07 13.40 -10.75
C ASN B 60 -4.45 13.42 -9.35
N ALA B 61 -3.12 13.32 -9.29
CA ALA B 61 -2.45 13.31 -8.01
C ALA B 61 -2.50 14.67 -7.33
N LEU B 63 -5.06 16.86 -7.43
CA LEU B 63 -6.39 17.30 -7.03
C LEU B 63 -6.52 17.71 -5.56
N ASN B 64 -6.08 16.84 -4.65
CA ASN B 64 -6.21 17.13 -3.24
C ASN B 64 -5.02 17.84 -2.59
N GLU B 65 -4.18 18.48 -3.40
CA GLU B 65 -3.03 19.20 -2.87
C GLU B 65 -3.37 20.63 -2.49
N GLY B 66 -4.55 21.08 -2.90
CA GLY B 66 -4.97 22.44 -2.57
C GLY B 66 -6.25 22.91 -3.22
N VAL B 67 -7.01 23.68 -2.46
CA VAL B 67 -8.25 24.27 -2.94
C VAL B 67 -8.29 25.65 -2.30
N ALA B 68 -9.25 26.49 -2.69
CA ALA B 68 -9.35 27.83 -2.10
C ALA B 68 -9.32 27.78 -0.57
N GLY B 69 -8.34 28.44 0.03
CA GLY B 69 -8.24 28.48 1.48
C GLY B 69 -7.72 27.24 2.21
N LYS B 70 -7.34 26.20 1.49
CA LYS B 70 -6.85 24.99 2.14
C LYS B 70 -5.65 24.37 1.45
N ASP B 71 -4.57 24.15 2.21
CA ASP B 71 -3.37 23.53 1.67
C ASP B 71 -3.55 22.01 1.76
N VAL B 72 -2.56 21.25 1.33
CA VAL B 72 -2.67 19.78 1.35
C VAL B 72 -3.02 19.20 2.71
N GLY B 73 -2.41 19.73 3.76
CA GLY B 73 -2.68 19.22 5.09
C GLY B 73 -4.09 19.50 5.56
N ALA B 74 -4.55 20.72 5.34
CA ALA B 74 -5.89 21.13 5.73
C ALA B 74 -6.99 20.35 5.01
N ILE B 75 -6.73 19.93 3.77
CA ILE B 75 -7.73 19.16 3.04
C ILE B 75 -7.86 17.78 3.65
N ALA B 76 -6.73 17.12 3.89
CA ALA B 76 -6.74 15.78 4.46
C ALA B 76 -7.39 15.82 5.84
N GLN B 77 -7.08 16.86 6.60
CA GLN B 77 -7.63 17.03 7.93
C GLN B 77 -9.14 17.27 7.82
N GLY B 78 -9.54 18.00 6.77
CA GLY B 78 -10.94 18.27 6.57
C GLY B 78 -11.75 17.00 6.42
N PHE B 79 -11.33 16.11 5.52
CA PHE B 79 -12.04 14.85 5.31
C PHE B 79 -11.99 13.98 6.57
N GLU B 80 -10.81 13.82 7.14
CA GLU B 80 -10.64 13.01 8.35
C GLU B 80 -11.57 13.46 9.47
N GLY B 81 -11.59 14.76 9.74
CA GLY B 81 -12.45 15.28 10.79
C GLY B 81 -13.93 15.05 10.57
N LEU B 82 -14.32 14.85 9.33
CA LEU B 82 -15.73 14.61 9.00
C LEU B 82 -16.04 13.13 8.91
N GLY B 83 -15.03 12.30 9.14
CA GLY B 83 -15.21 10.86 9.08
C GLY B 83 -15.20 10.32 7.65
N ALA B 84 -14.71 11.14 6.72
CA ALA B 84 -14.67 10.77 5.32
C ALA B 84 -13.29 10.31 4.84
N ASP B 85 -13.30 9.53 3.77
CA ASP B 85 -12.07 9.00 3.18
C ASP B 85 -12.03 9.38 1.70
N PHE B 86 -10.98 10.07 1.28
CA PHE B 86 -10.85 10.49 -0.11
C PHE B 86 -9.88 9.54 -0.81
N GLY B 87 -10.16 9.25 -2.09
CA GLY B 87 -9.30 8.37 -2.85
C GLY B 87 -9.19 8.85 -4.29
N ASN B 88 -8.08 8.53 -4.94
CA ASN B 88 -7.89 8.94 -6.32
C ASN B 88 -6.97 7.93 -7.01
N GLY B 89 -6.81 8.09 -8.32
CA GLY B 89 -5.95 7.19 -9.06
C GLY B 89 -6.12 7.44 -10.53
N ALA B 90 -5.06 7.18 -11.29
CA ALA B 90 -5.08 7.37 -12.73
C ALA B 90 -4.54 6.13 -13.39
N TYR B 91 -5.16 5.76 -14.51
CA TYR B 91 -4.78 4.57 -15.22
C TYR B 91 -4.73 4.88 -16.71
N LYS B 92 -4.81 3.86 -17.55
CA LYS B 92 -4.75 4.13 -18.98
C LYS B 92 -6.05 4.69 -19.55
N ASP B 93 -7.17 4.08 -19.21
CA ASP B 93 -8.47 4.54 -19.71
C ASP B 93 -9.13 5.61 -18.85
N ALA B 95 -9.46 7.92 -14.85
CA ALA B 95 -8.88 8.58 -13.69
C ALA B 95 -10.05 8.56 -12.71
N VAL B 96 -9.75 8.38 -11.43
CA VAL B 96 -10.80 8.29 -10.44
C VAL B 96 -10.63 9.25 -9.26
N ALA B 97 -11.76 9.62 -8.68
CA ALA B 97 -11.80 10.47 -7.49
C ALA B 97 -12.96 9.85 -6.72
N SER B 98 -12.74 9.50 -5.46
CA SER B 98 -13.80 8.87 -4.69
C SER B 98 -13.90 9.38 -3.27
N LEU B 99 -15.11 9.25 -2.72
CA LEU B 99 -15.38 9.68 -1.37
C LEU B 99 -16.23 8.65 -0.66
N ARG B 100 -15.85 8.32 0.56
CA ARG B 100 -16.62 7.40 1.37
C ARG B 100 -16.92 8.31 2.56
N SER B 101 -18.17 8.33 2.99
CA SER B 101 -18.54 9.21 4.09
C SER B 101 -19.75 8.72 4.88
N LEU B 102 -19.94 9.29 6.06
CA LEU B 102 -21.09 8.96 6.88
C LEU B 102 -22.28 9.54 6.11
N SER B 103 -23.44 8.91 6.23
CA SER B 103 -24.64 9.37 5.54
C SER B 103 -25.34 10.52 6.28
N ALA B 104 -25.09 10.64 7.58
CA ALA B 104 -25.70 11.72 8.37
C ALA B 104 -25.56 13.05 7.63
N VAL B 105 -26.67 13.76 7.46
CA VAL B 105 -26.67 15.04 6.75
C VAL B 105 -25.60 16.03 7.24
N ASP B 106 -25.48 16.16 8.55
CA ASP B 106 -24.52 17.08 9.13
C ASP B 106 -23.06 16.73 8.83
N LYS B 107 -22.82 15.50 8.41
CA LYS B 107 -21.46 15.08 8.10
C LYS B 107 -21.21 15.06 6.60
N ARG B 108 -22.15 14.52 5.84
CA ARG B 108 -21.96 14.44 4.40
C ARG B 108 -21.97 15.79 3.70
N GLU B 109 -22.78 16.73 4.18
CA GLU B 109 -22.83 18.03 3.53
C GLU B 109 -21.46 18.72 3.46
N PRO B 110 -20.78 18.89 4.60
CA PRO B 110 -19.48 19.54 4.47
C PRO B 110 -18.47 18.65 3.74
N ALA B 111 -18.63 17.33 3.87
CA ALA B 111 -17.71 16.41 3.20
C ALA B 111 -17.87 16.50 1.70
N LEU B 112 -19.11 16.60 1.23
CA LEU B 112 -19.36 16.69 -0.20
C LEU B 112 -18.94 18.03 -0.79
N LYS B 113 -19.12 19.12 -0.05
CA LYS B 113 -18.71 20.40 -0.62
C LYS B 113 -17.18 20.42 -0.76
N LEU B 114 -16.47 19.85 0.21
CA LEU B 114 -15.02 19.80 0.16
C LEU B 114 -14.58 18.89 -1.01
N PHE B 115 -15.22 17.75 -1.13
CA PHE B 115 -14.91 16.80 -2.21
C PHE B 115 -15.15 17.52 -3.56
N ALA B 116 -16.27 18.23 -3.67
CA ALA B 116 -16.57 18.94 -4.91
C ALA B 116 -15.47 19.95 -5.26
N GLU B 117 -15.01 20.69 -4.26
CA GLU B 117 -13.95 21.69 -4.46
C GLU B 117 -12.64 21.04 -4.89
N VAL B 118 -12.29 19.93 -4.26
CA VAL B 118 -11.06 19.21 -4.57
C VAL B 118 -11.01 18.67 -6.01
N VAL B 119 -12.10 18.09 -6.47
CA VAL B 119 -12.12 17.52 -7.81
C VAL B 119 -12.49 18.54 -8.87
N GLY B 120 -13.35 19.48 -8.49
CA GLY B 120 -13.79 20.48 -9.45
C GLY B 120 -13.01 21.77 -9.52
N LYS B 121 -12.47 22.24 -8.39
CA LYS B 121 -11.71 23.48 -8.39
C LYS B 121 -10.35 23.44 -7.70
N PRO B 122 -9.49 22.50 -8.10
CA PRO B 122 -8.16 22.42 -7.49
C PRO B 122 -7.35 23.66 -7.86
N THR B 123 -6.51 24.12 -6.94
CA THR B 123 -5.70 25.30 -7.17
C THR B 123 -4.31 24.99 -7.72
N PHE B 124 -3.89 23.74 -7.60
CA PHE B 124 -2.59 23.30 -8.08
C PHE B 124 -1.42 24.13 -7.55
N PRO B 125 -1.11 24.03 -6.25
CA PRO B 125 -0.02 24.77 -5.61
C PRO B 125 1.34 24.42 -6.22
N ALA B 126 2.12 25.47 -6.53
CA ALA B 126 3.44 25.31 -7.12
C ALA B 126 4.37 24.36 -6.37
N ASP B 127 4.42 24.50 -5.05
CA ASP B 127 5.29 23.66 -4.22
C ASP B 127 4.86 22.20 -4.27
N SER B 128 3.54 21.96 -4.32
CA SER B 128 3.03 20.61 -4.40
C SER B 128 3.49 19.96 -5.69
N LEU B 129 3.46 20.73 -6.78
CA LEU B 129 3.88 20.20 -8.06
C LEU B 129 5.34 19.79 -8.03
N ALA B 130 6.20 20.67 -7.50
CA ALA B 130 7.62 20.38 -7.43
C ALA B 130 7.86 19.13 -6.57
N ARG B 131 7.14 19.01 -5.46
CA ARG B 131 7.27 17.87 -4.57
C ARG B 131 6.83 16.58 -5.27
N ILE B 132 5.70 16.61 -5.96
CA ILE B 132 5.20 15.43 -6.65
C ILE B 132 6.10 15.01 -7.81
N LYS B 133 6.64 15.97 -8.55
CA LYS B 133 7.53 15.63 -9.66
C LYS B 133 8.76 14.93 -9.13
N ASN B 134 9.31 15.43 -8.04
CA ASN B 134 10.49 14.85 -7.43
C ASN B 134 10.22 13.40 -7.04
N GLN B 135 9.04 13.15 -6.47
CA GLN B 135 8.69 11.80 -6.07
C GLN B 135 8.60 10.90 -7.30
N LEU B 137 10.21 11.35 -10.16
CA LEU B 137 11.56 11.14 -10.70
C LEU B 137 12.30 10.09 -9.86
N ALA B 138 12.09 10.13 -8.55
CA ALA B 138 12.73 9.16 -7.67
C ALA B 138 12.14 7.80 -8.00
N GLY B 139 10.84 7.80 -8.27
CA GLY B 139 10.15 6.57 -8.60
C GLY B 139 10.72 5.89 -9.83
N PHE B 140 11.08 6.67 -10.85
CA PHE B 140 11.64 6.10 -12.06
C PHE B 140 12.96 5.41 -11.75
N GLU B 141 13.71 5.98 -10.82
CA GLU B 141 14.99 5.43 -10.41
C GLU B 141 14.82 4.10 -9.68
N TYR B 142 13.81 4.00 -8.82
CA TYR B 142 13.59 2.76 -8.08
C TYR B 142 13.02 1.69 -9.02
N GLN B 143 12.27 2.13 -10.03
CA GLN B 143 11.68 1.21 -11.00
C GLN B 143 12.73 0.40 -11.76
N LYS B 144 13.88 1.00 -12.02
CA LYS B 144 14.93 0.30 -12.76
C LYS B 144 15.57 -0.79 -11.91
N GLN B 145 14.99 -1.03 -10.74
CA GLN B 145 15.48 -2.06 -9.84
C GLN B 145 14.41 -3.11 -9.61
N ASN B 146 13.36 -3.05 -10.43
CA ASN B 146 12.24 -3.99 -10.36
C ASN B 146 12.08 -4.64 -11.73
N PRO B 147 12.58 -5.88 -11.89
CA PRO B 147 12.49 -6.62 -13.16
C PRO B 147 11.09 -6.67 -13.75
N GLY B 148 10.12 -7.05 -12.91
CA GLY B 148 8.74 -7.16 -13.34
C GLY B 148 8.21 -5.87 -13.94
N LYS B 149 8.51 -4.76 -13.29
CA LYS B 149 8.07 -3.44 -13.76
C LYS B 149 8.68 -3.11 -15.12
N LEU B 150 9.97 -3.37 -15.26
CA LEU B 150 10.66 -3.10 -16.52
C LEU B 150 10.14 -3.99 -17.64
N ALA B 151 9.88 -5.25 -17.32
CA ALA B 151 9.38 -6.19 -18.31
C ALA B 151 7.99 -5.77 -18.82
N SER B 152 7.10 -5.40 -17.90
CA SER B 152 5.76 -4.99 -18.28
C SER B 152 5.76 -3.71 -19.13
N LEU B 153 6.63 -2.77 -18.78
CA LEU B 153 6.73 -1.52 -19.54
C LEU B 153 7.15 -1.83 -20.97
N GLU B 154 8.19 -2.65 -21.10
CA GLU B 154 8.72 -3.06 -22.40
C GLU B 154 7.59 -3.78 -23.14
N LEU B 155 6.94 -4.71 -22.43
CA LEU B 155 5.86 -5.49 -23.00
C LEU B 155 4.70 -4.63 -23.55
N LYS B 157 4.92 -1.62 -24.64
CA LYS B 157 5.42 -0.87 -25.80
C LYS B 157 5.42 -1.74 -27.06
N ARG B 158 5.87 -2.97 -26.92
CA ARG B 158 5.90 -3.88 -28.06
C ARG B 158 4.50 -4.23 -28.50
N LEU B 159 3.59 -4.32 -27.53
CA LEU B 159 2.22 -4.68 -27.78
C LEU B 159 1.40 -3.58 -28.46
N TYR B 160 1.57 -2.35 -28.00
CA TYR B 160 0.79 -1.24 -28.53
C TYR B 160 1.43 -0.27 -29.52
N GLY B 161 2.75 -0.32 -29.64
CA GLY B 161 3.44 0.56 -30.58
C GLY B 161 3.24 2.04 -30.29
N THR B 162 2.57 2.75 -31.20
CA THR B 162 2.33 4.17 -31.02
C THR B 162 0.96 4.46 -30.41
N HIS B 163 0.17 3.42 -30.20
CA HIS B 163 -1.16 3.53 -29.60
C HIS B 163 -1.08 4.21 -28.23
N PRO B 164 -2.12 4.97 -27.85
CA PRO B 164 -2.15 5.65 -26.55
C PRO B 164 -1.91 4.77 -25.33
N TYR B 165 -2.21 3.46 -25.42
CA TYR B 165 -1.99 2.55 -24.29
C TYR B 165 -0.54 2.10 -24.13
N ALA B 166 0.30 2.39 -25.12
CA ALA B 166 1.70 1.95 -25.07
C ALA B 166 2.60 2.61 -24.02
N HIS B 167 2.49 3.92 -23.86
CA HIS B 167 3.35 4.61 -22.90
C HIS B 167 2.96 4.44 -21.44
N ALA B 168 3.97 4.49 -20.58
CA ALA B 168 3.76 4.36 -19.14
C ALA B 168 2.86 5.48 -18.67
N SER B 169 1.91 5.15 -17.81
CA SER B 169 0.97 6.11 -17.27
C SER B 169 1.64 7.28 -16.55
N ASP B 170 2.74 7.02 -15.84
CA ASP B 170 3.42 8.08 -15.12
C ASP B 170 4.46 8.84 -15.96
N GLY B 171 4.42 8.66 -17.28
CA GLY B 171 5.38 9.33 -18.13
C GLY B 171 6.78 8.81 -17.88
N ASP B 172 7.78 9.68 -17.98
CA ASP B 172 9.17 9.30 -17.76
C ASP B 172 10.03 10.51 -17.36
N ALA B 173 11.27 10.24 -17.00
CA ALA B 173 12.19 11.27 -16.55
C ALA B 173 12.31 12.44 -17.52
N LYS B 174 12.08 12.18 -18.80
CA LYS B 174 12.17 13.23 -19.81
C LYS B 174 10.90 14.09 -19.90
N SER B 175 9.75 13.44 -19.78
CA SER B 175 8.47 14.12 -19.91
C SER B 175 7.92 14.82 -18.66
N ILE B 176 8.29 14.37 -17.47
CA ILE B 176 7.75 14.98 -16.26
C ILE B 176 8.23 16.41 -15.97
N PRO B 177 9.55 16.64 -15.94
CA PRO B 177 10.09 17.97 -15.65
C PRO B 177 9.49 19.18 -16.36
N PRO B 178 9.21 19.09 -17.67
CA PRO B 178 8.63 20.22 -18.41
C PRO B 178 7.14 20.54 -18.17
N ILE B 179 6.38 19.61 -17.61
CA ILE B 179 4.95 19.84 -17.37
C ILE B 179 4.77 21.09 -16.50
N THR B 180 3.91 22.00 -16.93
CA THR B 180 3.69 23.23 -16.16
C THR B 180 2.32 23.25 -15.51
N LEU B 181 2.13 24.21 -14.61
CA LEU B 181 0.84 24.35 -13.93
C LEU B 181 -0.23 24.67 -14.96
N ALA B 182 0.16 25.40 -16.00
CA ALA B 182 -0.78 25.78 -17.05
C ALA B 182 -1.29 24.55 -17.82
N GLN B 183 -0.41 23.57 -18.04
CA GLN B 183 -0.81 22.36 -18.75
C GLN B 183 -1.76 21.54 -17.89
N LEU B 184 -1.52 21.54 -16.58
CA LEU B 184 -2.36 20.79 -15.68
C LEU B 184 -3.76 21.41 -15.63
N LYS B 185 -3.83 22.74 -15.61
CA LYS B 185 -5.11 23.42 -15.55
C LYS B 185 -5.88 23.22 -16.84
N ALA B 186 -5.16 23.21 -17.96
CA ALA B 186 -5.78 23.01 -19.26
C ALA B 186 -6.32 21.58 -19.38
N PHE B 187 -5.51 20.61 -18.95
CA PHE B 187 -5.94 19.21 -19.00
C PHE B 187 -7.11 18.98 -18.06
N HIS B 188 -7.06 19.56 -16.87
CA HIS B 188 -8.14 19.39 -15.91
C HIS B 188 -9.45 19.94 -16.46
N ALA B 189 -9.40 21.15 -17.01
CA ALA B 189 -10.62 21.77 -17.55
C ALA B 189 -11.28 20.90 -18.61
N LYS B 190 -10.47 20.25 -19.44
CA LYS B 190 -10.95 19.40 -20.51
C LYS B 190 -11.37 17.97 -20.11
N ALA B 191 -10.50 17.29 -19.36
CA ALA B 191 -10.76 15.91 -18.95
C ALA B 191 -11.63 15.68 -17.71
N TYR B 192 -11.75 16.68 -16.84
CA TYR B 192 -12.55 16.53 -15.64
C TYR B 192 -13.90 17.23 -15.82
N ALA B 193 -14.25 17.52 -17.07
CA ALA B 193 -15.50 18.17 -17.40
C ALA B 193 -16.69 17.25 -17.07
N ALA B 194 -17.81 17.86 -16.68
CA ALA B 194 -19.01 17.10 -16.35
C ALA B 194 -19.44 16.11 -17.43
N GLY B 195 -19.31 16.51 -18.69
CA GLY B 195 -19.71 15.62 -19.77
C GLY B 195 -18.74 14.47 -20.01
N ASN B 196 -17.66 14.44 -19.25
CA ASN B 196 -16.61 13.41 -19.38
C ASN B 196 -16.57 12.53 -18.14
N VAL B 197 -17.62 12.56 -17.32
CA VAL B 197 -17.61 11.78 -16.08
C VAL B 197 -18.80 10.87 -15.82
N VAL B 198 -18.56 9.85 -15.00
CA VAL B 198 -19.58 8.91 -14.59
C VAL B 198 -19.66 9.07 -13.07
N ILE B 199 -20.84 9.34 -12.55
CA ILE B 199 -21.04 9.51 -11.12
C ILE B 199 -21.74 8.26 -10.55
N ALA B 200 -21.02 7.48 -9.75
CA ALA B 200 -21.57 6.28 -9.15
C ALA B 200 -21.74 6.49 -7.65
N LEU B 201 -22.92 6.11 -7.16
CA LEU B 201 -23.29 6.26 -5.76
C LEU B 201 -23.93 4.99 -5.23
N VAL B 202 -23.50 4.55 -4.05
CA VAL B 202 -24.07 3.37 -3.41
C VAL B 202 -24.09 3.65 -1.91
N GLY B 203 -25.24 3.45 -1.28
CA GLY B 203 -25.29 3.68 0.14
C GLY B 203 -26.62 4.08 0.74
N ASP B 204 -26.55 4.52 1.99
CA ASP B 204 -27.71 4.93 2.78
C ASP B 204 -28.22 6.30 2.34
N LEU B 205 -28.90 6.32 1.19
CA LEU B 205 -29.45 7.53 0.60
C LEU B 205 -30.74 7.18 -0.14
N SER B 206 -31.65 8.15 -0.25
CA SER B 206 -32.88 7.94 -0.98
C SER B 206 -32.54 8.39 -2.40
N ARG B 207 -33.38 8.06 -3.37
CA ARG B 207 -33.10 8.46 -4.74
C ARG B 207 -33.08 9.99 -4.83
N SER B 208 -33.89 10.65 -4.01
CA SER B 208 -33.94 12.11 -3.99
C SER B 208 -32.62 12.70 -3.47
N ASP B 209 -32.05 12.06 -2.44
CA ASP B 209 -30.78 12.54 -1.89
C ASP B 209 -29.69 12.30 -2.92
N ALA B 210 -29.77 11.14 -3.57
CA ALA B 210 -28.79 10.77 -4.59
C ALA B 210 -28.78 11.78 -5.72
N GLU B 211 -29.96 12.18 -6.18
CA GLU B 211 -30.07 13.16 -7.25
C GLU B 211 -29.44 14.48 -6.85
N ALA B 212 -29.71 14.90 -5.62
CA ALA B 212 -29.17 16.15 -5.10
C ALA B 212 -27.65 16.07 -5.07
N ILE B 213 -27.14 14.96 -4.54
CA ILE B 213 -25.68 14.78 -4.47
C ILE B 213 -25.03 14.81 -5.84
N ALA B 214 -25.57 14.01 -6.76
CA ALA B 214 -25.05 13.95 -8.12
C ALA B 214 -25.08 15.33 -8.79
N ALA B 215 -26.18 16.06 -8.63
CA ALA B 215 -26.30 17.40 -9.22
C ALA B 215 -25.26 18.36 -8.65
N GLN B 216 -25.04 18.29 -7.33
CA GLN B 216 -24.06 19.16 -6.67
C GLN B 216 -22.66 18.93 -7.22
N VAL B 217 -22.28 17.66 -7.36
CA VAL B 217 -20.99 17.29 -7.90
C VAL B 217 -20.86 17.75 -9.36
N SER B 218 -21.89 17.43 -10.16
CA SER B 218 -21.88 17.81 -11.57
C SER B 218 -21.69 19.31 -11.78
N ALA B 219 -22.35 20.13 -10.96
CA ALA B 219 -22.28 21.58 -11.08
C ALA B 219 -20.95 22.18 -10.65
N ALA B 220 -20.24 21.50 -9.77
CA ALA B 220 -18.95 21.99 -9.30
C ALA B 220 -17.84 21.67 -10.31
N LEU B 221 -18.06 20.67 -11.15
CA LEU B 221 -17.06 20.28 -12.14
C LEU B 221 -16.99 21.26 -13.30
N PRO B 222 -15.81 21.33 -13.97
CA PRO B 222 -15.66 22.23 -15.11
C PRO B 222 -16.71 21.79 -16.12
N LYS B 223 -17.21 22.73 -16.92
CA LYS B 223 -18.19 22.40 -17.95
C LYS B 223 -17.45 21.97 -19.21
N GLY B 224 -17.99 20.97 -19.90
CA GLY B 224 -17.35 20.50 -21.11
C GLY B 224 -17.93 19.18 -21.58
N PRO B 225 -17.75 18.87 -22.87
CA PRO B 225 -18.24 17.62 -23.44
C PRO B 225 -17.27 16.49 -23.16
N ALA B 226 -17.65 15.27 -23.55
CA ALA B 226 -16.79 14.12 -23.37
C ALA B 226 -15.60 14.22 -24.34
N LEU B 227 -14.51 13.57 -23.99
CA LEU B 227 -13.34 13.58 -24.87
C LEU B 227 -13.52 12.51 -25.92
N ALA B 228 -12.71 12.58 -26.97
CA ALA B 228 -12.77 11.62 -28.05
C ALA B 228 -12.37 10.23 -27.58
N LYS B 229 -13.07 9.21 -28.06
CA LYS B 229 -12.76 7.85 -27.66
C LYS B 229 -11.49 7.32 -28.32
N ILE B 230 -10.86 6.37 -27.64
CA ILE B 230 -9.62 5.76 -28.13
C ILE B 230 -9.88 4.73 -29.22
N GLU B 231 -9.13 4.85 -30.32
CA GLU B 231 -9.25 3.94 -31.45
C GLU B 231 -8.65 2.58 -31.10
N GLN B 232 -8.94 1.57 -31.92
CA GLN B 232 -8.41 0.23 -31.69
C GLN B 232 -6.96 0.11 -32.14
N PRO B 233 -6.16 -0.69 -31.42
CA PRO B 233 -4.75 -0.87 -31.77
C PRO B 233 -4.59 -1.89 -32.89
N ALA B 234 -3.45 -1.82 -33.59
CA ALA B 234 -3.16 -2.77 -34.66
C ALA B 234 -2.50 -3.95 -33.96
N GLU B 235 -2.72 -5.15 -34.46
CA GLU B 235 -2.12 -6.32 -33.83
C GLU B 235 -0.61 -6.35 -34.06
N PRO B 236 0.16 -6.48 -32.98
CA PRO B 236 1.62 -6.50 -33.08
C PRO B 236 2.11 -7.83 -33.61
N LYS B 237 3.38 -7.87 -34.00
CA LYS B 237 3.99 -9.09 -34.50
C LYS B 237 4.63 -9.80 -33.30
N ALA B 238 4.64 -11.12 -33.33
CA ALA B 238 5.24 -11.89 -32.25
C ALA B 238 6.71 -11.50 -32.13
N SER B 239 7.24 -11.54 -30.91
CA SER B 239 8.64 -11.21 -30.67
C SER B 239 9.05 -11.66 -29.27
N ILE B 240 10.36 -11.73 -29.05
CA ILE B 240 10.89 -12.15 -27.77
C ILE B 240 12.00 -11.18 -27.38
N GLY B 241 11.79 -10.43 -26.30
CA GLY B 241 12.80 -9.49 -25.86
C GLY B 241 13.36 -9.86 -24.50
N HIS B 242 14.52 -9.32 -24.17
CA HIS B 242 15.13 -9.60 -22.88
C HIS B 242 15.71 -8.35 -22.26
N ILE B 243 15.53 -8.23 -20.95
CA ILE B 243 16.06 -7.09 -20.20
C ILE B 243 17.06 -7.70 -19.24
N GLU B 244 18.32 -7.26 -19.35
CA GLU B 244 19.39 -7.77 -18.50
C GLU B 244 19.29 -7.18 -17.10
N PHE B 245 19.15 -8.05 -16.10
CA PHE B 245 19.02 -7.58 -14.72
C PHE B 245 19.76 -8.54 -13.79
N PRO B 246 20.40 -8.01 -12.75
CA PRO B 246 21.14 -8.82 -11.79
C PRO B 246 20.19 -9.47 -10.79
N SER B 247 20.27 -10.80 -10.68
CA SER B 247 19.42 -11.55 -9.77
C SER B 247 19.53 -13.01 -10.12
N SER B 248 19.15 -13.88 -9.19
CA SER B 248 19.18 -15.32 -9.45
C SER B 248 17.81 -15.69 -10.03
N GLN B 249 16.90 -14.72 -10.02
CA GLN B 249 15.54 -14.90 -10.53
C GLN B 249 15.33 -14.24 -11.88
N THR B 250 14.30 -14.70 -12.60
CA THR B 250 13.95 -14.16 -13.91
C THR B 250 12.43 -13.95 -14.02
N SER B 251 12.03 -12.73 -14.35
CA SER B 251 10.62 -12.42 -14.52
C SER B 251 10.28 -12.71 -15.96
N LEU B 252 9.20 -13.46 -16.18
CA LEU B 252 8.74 -13.81 -17.52
C LEU B 252 7.32 -13.31 -17.73
N LEU B 254 4.26 -12.98 -20.88
CA LEU B 254 3.82 -13.31 -22.23
C LEU B 254 2.49 -12.59 -22.42
N ALA B 255 2.30 -11.96 -23.58
CA ALA B 255 1.04 -11.26 -23.83
C ALA B 255 0.74 -11.05 -25.30
N GLN B 256 -0.53 -10.75 -25.57
CA GLN B 256 -1.02 -10.46 -26.92
C GLN B 256 -2.29 -9.65 -26.70
N LEU B 257 -2.84 -9.07 -27.75
CA LEU B 257 -4.07 -8.31 -27.59
C LEU B 257 -5.21 -9.22 -27.18
N GLY B 258 -5.99 -8.74 -26.22
CA GLY B 258 -7.14 -9.49 -25.74
C GLY B 258 -8.41 -8.87 -26.27
N ILE B 259 -9.36 -8.62 -25.36
CA ILE B 259 -10.63 -8.06 -25.76
C ILE B 259 -10.85 -6.68 -25.16
N ASP B 260 -11.85 -5.96 -25.67
CA ASP B 260 -12.19 -4.68 -25.10
C ASP B 260 -13.32 -5.00 -24.13
N ARG B 261 -13.53 -4.13 -23.14
CA ARG B 261 -14.52 -4.33 -22.08
C ARG B 261 -15.94 -4.71 -22.52
N ASP B 262 -16.37 -4.16 -23.66
CA ASP B 262 -17.72 -4.41 -24.18
C ASP B 262 -17.88 -5.66 -25.05
N ASP B 263 -16.81 -6.41 -25.25
CA ASP B 263 -16.90 -7.61 -26.07
C ASP B 263 -17.92 -8.58 -25.49
N PRO B 264 -18.76 -9.18 -26.35
CA PRO B 264 -19.79 -10.13 -25.97
C PRO B 264 -19.26 -11.38 -25.26
N ASP B 265 -18.03 -11.77 -25.59
CA ASP B 265 -17.43 -12.97 -25.00
C ASP B 265 -16.76 -12.74 -23.65
N TYR B 266 -16.98 -11.58 -23.04
CA TYR B 266 -16.37 -11.28 -21.75
C TYR B 266 -16.52 -12.41 -20.74
N ALA B 267 -17.76 -12.83 -20.47
CA ALA B 267 -18.01 -13.89 -19.50
C ALA B 267 -17.30 -15.18 -19.86
N ALA B 268 -17.32 -15.53 -21.14
CA ALA B 268 -16.69 -16.76 -21.60
C ALA B 268 -15.18 -16.76 -21.40
N VAL B 269 -14.52 -15.70 -21.84
CA VAL B 269 -13.06 -15.62 -21.72
C VAL B 269 -12.59 -15.48 -20.28
N SER B 270 -13.40 -14.88 -19.43
CA SER B 270 -13.02 -14.72 -18.03
C SER B 270 -13.09 -16.08 -17.31
N LEU B 271 -14.10 -16.88 -17.63
CA LEU B 271 -14.22 -18.19 -17.01
C LEU B 271 -13.10 -19.07 -17.59
N GLY B 272 -12.88 -18.94 -18.90
CA GLY B 272 -11.82 -19.70 -19.53
C GLY B 272 -10.48 -19.36 -18.92
N ASN B 273 -10.29 -18.09 -18.57
CA ASN B 273 -9.04 -17.66 -17.98
C ASN B 273 -8.86 -18.17 -16.55
N GLN B 274 -9.96 -18.22 -15.80
CA GLN B 274 -9.89 -18.69 -14.42
C GLN B 274 -9.29 -20.09 -14.39
N ILE B 275 -9.74 -20.93 -15.31
CA ILE B 275 -9.24 -22.30 -15.38
C ILE B 275 -7.76 -22.37 -15.74
N LEU B 276 -7.31 -21.51 -16.65
CA LEU B 276 -5.92 -21.48 -17.08
C LEU B 276 -4.97 -20.92 -16.02
N GLY B 277 -5.24 -19.70 -15.57
CA GLY B 277 -4.35 -19.10 -14.60
C GLY B 277 -4.95 -18.15 -13.56
N GLY B 278 -6.04 -18.57 -12.93
CA GLY B 278 -6.67 -17.74 -11.92
C GLY B 278 -6.04 -17.97 -10.57
N GLY B 279 -6.84 -17.93 -9.52
CA GLY B 279 -6.25 -18.11 -8.20
C GLY B 279 -5.74 -19.43 -7.63
N GLY B 280 -4.44 -19.55 -7.36
CA GLY B 280 -3.98 -20.74 -6.68
C GLY B 280 -3.07 -21.93 -6.74
N PHE B 281 -3.73 -23.05 -6.95
CA PHE B 281 -3.12 -24.36 -7.03
C PHE B 281 -3.80 -25.16 -8.15
N GLY B 282 -5.13 -25.07 -8.11
CA GLY B 282 -5.97 -25.79 -9.04
C GLY B 282 -5.83 -25.46 -10.51
N THR B 283 -5.38 -24.25 -10.85
CA THR B 283 -5.25 -23.87 -12.26
C THR B 283 -4.25 -24.72 -13.03
N ARG B 284 -4.40 -24.73 -14.35
CA ARG B 284 -3.51 -25.49 -15.23
C ARG B 284 -2.06 -25.07 -15.04
N LEU B 285 -1.84 -23.75 -14.99
CA LEU B 285 -0.50 -23.22 -14.85
C LEU B 285 0.12 -23.45 -13.48
N SER B 287 -0.63 -25.76 -11.32
CA SER B 287 -0.40 -27.18 -11.08
C SER B 287 0.82 -27.67 -11.85
N GLU B 288 0.90 -27.35 -13.13
CA GLU B 288 2.01 -27.76 -13.97
C GLU B 288 3.35 -27.15 -13.61
N VAL B 289 3.35 -25.84 -13.37
CA VAL B 289 4.59 -25.13 -13.06
C VAL B 289 4.97 -25.12 -11.59
N ARG B 290 3.99 -24.93 -10.70
CA ARG B 290 4.25 -24.89 -9.27
C ARG B 290 4.06 -26.22 -8.54
N GLU B 291 2.88 -26.80 -8.68
CA GLU B 291 2.54 -28.06 -8.01
C GLU B 291 3.43 -29.24 -8.39
N LYS B 292 3.42 -29.58 -9.67
CA LYS B 292 4.17 -30.73 -10.15
C LYS B 292 5.68 -30.54 -10.28
N ARG B 293 6.13 -29.33 -10.62
CA ARG B 293 7.55 -29.11 -10.81
C ARG B 293 8.23 -28.11 -9.88
N GLY B 294 7.43 -27.40 -9.08
CA GLY B 294 7.99 -26.43 -8.16
C GLY B 294 8.94 -25.43 -8.80
N LEU B 295 8.59 -24.95 -9.99
CA LEU B 295 9.43 -23.99 -10.71
C LEU B 295 9.12 -22.53 -10.39
N THR B 296 8.03 -22.27 -9.67
CA THR B 296 7.68 -20.90 -9.35
C THR B 296 6.77 -20.86 -8.12
N TYR B 297 6.72 -19.72 -7.44
CA TYR B 297 5.85 -19.57 -6.28
C TYR B 297 4.50 -19.07 -6.75
N GLY B 298 4.42 -18.64 -8.01
CA GLY B 298 3.17 -18.15 -8.51
C GLY B 298 3.17 -17.77 -9.97
N VAL B 299 2.20 -18.31 -10.70
CA VAL B 299 2.05 -18.03 -12.13
C VAL B 299 0.60 -17.63 -12.37
N TYR B 300 0.39 -16.51 -13.03
CA TYR B 300 -0.96 -16.02 -13.27
C TYR B 300 -1.24 -15.58 -14.71
N SER B 301 -2.52 -15.65 -15.07
CA SER B 301 -2.98 -15.29 -16.41
C SER B 301 -4.24 -14.44 -16.29
N GLY B 302 -4.45 -13.53 -17.24
CA GLY B 302 -5.64 -12.71 -17.19
C GLY B 302 -5.78 -11.65 -18.29
N PHE B 303 -7.04 -11.28 -18.53
CA PHE B 303 -7.39 -10.25 -19.52
C PHE B 303 -7.58 -8.93 -18.76
N THR B 304 -7.28 -7.82 -19.41
CA THR B 304 -7.49 -6.51 -18.80
C THR B 304 -8.23 -5.67 -19.84
N PRO B 305 -9.51 -5.99 -20.08
CA PRO B 305 -10.39 -5.30 -21.04
C PRO B 305 -10.50 -3.80 -20.80
N GLN B 307 -11.37 0.27 -23.00
CA GLN B 307 -12.25 0.84 -24.02
C GLN B 307 -11.85 0.22 -25.36
N ALA B 308 -10.56 0.21 -25.65
CA ALA B 308 -10.03 -0.41 -26.86
C ALA B 308 -9.47 -1.74 -26.34
N ARG B 309 -9.16 -2.66 -27.26
CA ARG B 309 -8.64 -3.97 -26.87
C ARG B 309 -7.55 -3.92 -25.80
N GLY B 310 -7.81 -4.57 -24.68
CA GLY B 310 -6.86 -4.62 -23.58
C GLY B 310 -5.93 -5.80 -23.72
N PRO B 311 -4.84 -5.86 -22.95
CA PRO B 311 -3.92 -6.98 -23.07
C PRO B 311 -4.33 -8.24 -22.33
N PHE B 312 -3.82 -9.37 -22.81
CA PHE B 312 -4.03 -10.66 -22.17
C PHE B 312 -2.60 -10.97 -21.77
N ILE B 314 0.32 -13.33 -19.19
CA ILE B 314 0.69 -14.44 -18.35
C ILE B 314 2.02 -14.00 -17.75
N ASN B 315 2.14 -14.07 -16.42
CA ASN B 315 3.37 -13.68 -15.77
C ASN B 315 3.77 -14.60 -14.64
N LEU B 316 5.08 -14.71 -14.44
CA LEU B 316 5.61 -15.55 -13.39
C LEU B 316 7.10 -15.31 -13.25
N GLN B 317 7.65 -15.77 -12.14
CA GLN B 317 9.07 -15.62 -11.86
C GLN B 317 9.65 -16.98 -11.54
N THR B 318 10.87 -17.22 -12.00
CA THR B 318 11.54 -18.50 -11.74
C THR B 318 13.03 -18.27 -11.59
N ARG B 319 13.75 -19.32 -11.18
CA ARG B 319 15.19 -19.25 -11.05
C ARG B 319 15.72 -19.02 -12.45
N ALA B 320 16.66 -18.10 -12.60
CA ALA B 320 17.21 -17.77 -13.90
C ALA B 320 17.68 -18.97 -14.74
N GLU B 321 18.30 -19.96 -14.11
CA GLU B 321 18.78 -21.11 -14.86
C GLU B 321 17.67 -22.03 -15.38
N SER B 323 14.67 -20.60 -16.43
CA SER B 323 13.80 -19.74 -17.23
C SER B 323 13.48 -20.18 -18.65
N GLU B 324 14.49 -20.61 -19.39
CA GLU B 324 14.27 -21.05 -20.76
C GLU B 324 13.33 -22.26 -20.79
N GLY B 325 13.60 -23.22 -19.92
CA GLY B 325 12.78 -24.41 -19.86
C GLY B 325 11.37 -24.13 -19.36
N THR B 326 11.23 -23.25 -18.38
CA THR B 326 9.92 -22.93 -17.85
C THR B 326 9.07 -22.17 -18.87
N LEU B 327 9.71 -21.37 -19.72
CA LEU B 327 8.98 -20.60 -20.72
C LEU B 327 8.32 -21.55 -21.72
N LYS B 328 9.08 -22.53 -22.20
CA LYS B 328 8.56 -23.51 -23.15
C LYS B 328 7.40 -24.27 -22.49
N LEU B 329 7.54 -24.56 -21.20
CA LEU B 329 6.50 -25.27 -20.48
C LEU B 329 5.21 -24.46 -20.46
N VAL B 330 5.32 -23.18 -20.12
CA VAL B 330 4.14 -22.31 -20.09
C VAL B 330 3.50 -22.24 -21.48
N GLN B 331 4.32 -22.17 -22.51
CA GLN B 331 3.82 -22.11 -23.88
C GLN B 331 3.07 -23.39 -24.25
N ASP B 332 3.60 -24.54 -23.82
CA ASP B 332 2.96 -25.81 -24.11
C ASP B 332 1.62 -25.94 -23.39
N VAL B 333 1.59 -25.56 -22.12
CA VAL B 333 0.36 -25.61 -21.33
C VAL B 333 -0.71 -24.75 -21.99
N PHE B 334 -0.31 -23.56 -22.44
CA PHE B 334 -1.23 -22.62 -23.09
C PHE B 334 -1.74 -23.20 -24.41
N ALA B 335 -0.81 -23.74 -25.20
CA ALA B 335 -1.16 -24.33 -26.49
C ALA B 335 -2.15 -25.47 -26.30
N GLU B 336 -1.86 -26.38 -25.37
CA GLU B 336 -2.75 -27.51 -25.12
C GLU B 336 -4.14 -27.07 -24.68
N TYR B 337 -4.20 -26.05 -23.83
CA TYR B 337 -5.48 -25.53 -23.32
C TYR B 337 -6.34 -24.96 -24.45
N LEU B 338 -5.74 -24.17 -25.33
CA LEU B 338 -6.48 -23.59 -26.43
C LEU B 338 -6.92 -24.69 -27.40
N LYS B 339 -6.09 -25.72 -27.54
CA LYS B 339 -6.40 -26.82 -28.44
C LYS B 339 -7.55 -27.69 -27.94
N ASN B 340 -7.43 -28.17 -26.71
CA ASN B 340 -8.44 -29.06 -26.12
C ASN B 340 -9.51 -28.41 -25.24
N GLY B 341 -9.24 -27.20 -24.78
CA GLY B 341 -10.20 -26.52 -23.93
C GLY B 341 -10.26 -27.13 -22.54
N PRO B 342 -11.22 -26.69 -21.72
CA PRO B 342 -11.37 -27.22 -20.37
C PRO B 342 -12.18 -28.51 -20.32
N THR B 343 -12.05 -29.25 -19.22
CA THR B 343 -12.83 -30.46 -19.05
C THR B 343 -14.10 -30.03 -18.35
N GLN B 344 -15.14 -30.85 -18.39
CA GLN B 344 -16.39 -30.50 -17.75
C GLN B 344 -16.17 -30.30 -16.25
N LYS B 345 -15.21 -31.03 -15.69
CA LYS B 345 -14.90 -30.95 -14.28
C LYS B 345 -14.28 -29.59 -13.93
N GLU B 346 -13.35 -29.14 -14.77
CA GLU B 346 -12.69 -27.85 -14.57
C GLU B 346 -13.68 -26.70 -14.70
N LEU B 347 -14.58 -26.83 -15.67
CA LEU B 347 -15.58 -25.80 -15.90
C LEU B 347 -16.48 -25.67 -14.68
N ASP B 348 -16.99 -26.79 -14.19
CA ASP B 348 -17.87 -26.77 -13.02
C ASP B 348 -17.17 -26.15 -11.81
N ASP B 349 -15.99 -26.65 -11.47
CA ASP B 349 -15.26 -26.11 -10.34
C ASP B 349 -15.08 -24.62 -10.53
N ALA B 350 -14.90 -24.21 -11.79
CA ALA B 350 -14.72 -22.82 -12.15
C ALA B 350 -15.98 -22.03 -11.84
N LYS B 351 -17.13 -22.58 -12.20
CA LYS B 351 -18.40 -21.92 -11.95
C LYS B 351 -18.66 -21.85 -10.44
N ARG B 352 -18.36 -22.94 -9.75
CA ARG B 352 -18.57 -23.02 -8.30
C ARG B 352 -17.70 -21.98 -7.58
N GLU B 353 -16.45 -21.87 -8.02
CA GLU B 353 -15.51 -20.93 -7.45
C GLU B 353 -16.06 -19.51 -7.62
N LEU B 354 -16.51 -19.22 -8.84
CA LEU B 354 -17.07 -17.93 -9.18
C LEU B 354 -18.33 -17.64 -8.37
N ALA B 355 -19.19 -18.64 -8.25
CA ALA B 355 -20.44 -18.50 -7.50
C ALA B 355 -20.15 -17.90 -6.14
N GLY B 356 -18.91 -18.06 -5.68
CA GLY B 356 -18.51 -17.53 -4.40
C GLY B 356 -17.76 -16.22 -4.57
N SER B 357 -18.39 -15.26 -5.26
CA SER B 357 -17.79 -13.94 -5.51
C SER B 357 -18.47 -13.25 -6.68
N ALA B 363 -22.89 -7.70 -1.21
CA ALA B 363 -21.60 -7.06 -1.44
C ALA B 363 -21.57 -5.69 -0.80
N SER B 364 -20.37 -5.22 -0.46
CA SER B 364 -20.18 -3.92 0.19
C SER B 364 -20.45 -2.75 -0.76
N ASN B 365 -20.73 -1.57 -0.19
CA ASN B 365 -20.97 -0.39 -1.00
C ASN B 365 -19.78 -0.16 -1.94
N ALA B 366 -18.57 -0.40 -1.42
CA ALA B 366 -17.34 -0.22 -2.17
C ALA B 366 -17.26 -1.09 -3.42
N ASP B 367 -17.43 -2.39 -3.23
CA ASP B 367 -17.38 -3.33 -4.33
C ASP B 367 -18.44 -3.01 -5.37
N ILE B 368 -19.63 -2.64 -4.91
CA ILE B 368 -20.70 -2.31 -5.83
C ILE B 368 -20.44 -1.02 -6.60
N VAL B 369 -20.08 0.06 -5.89
CA VAL B 369 -19.83 1.32 -6.56
C VAL B 369 -18.71 1.18 -7.59
N GLY B 370 -17.78 0.27 -7.34
CA GLY B 370 -16.69 0.05 -8.28
C GLY B 370 -17.25 -0.50 -9.59
N GLN B 371 -18.17 -1.45 -9.47
CA GLN B 371 -18.79 -2.06 -10.64
C GLN B 371 -19.68 -1.06 -11.37
N LEU B 372 -20.42 -0.23 -10.63
CA LEU B 372 -21.29 0.77 -11.25
C LEU B 372 -20.43 1.72 -12.07
N GLY B 373 -19.23 2.00 -11.56
CA GLY B 373 -18.33 2.89 -12.27
C GLY B 373 -17.99 2.34 -13.65
N ALA B 374 -17.66 1.05 -13.70
CA ALA B 374 -17.31 0.42 -14.97
C ALA B 374 -18.55 0.26 -15.86
N GLY B 376 -21.09 2.28 -16.06
CA GLY B 376 -21.38 3.55 -16.68
C GLY B 376 -20.30 3.98 -17.66
N PHE B 377 -19.03 3.77 -17.27
CA PHE B 377 -17.90 4.16 -18.11
C PHE B 377 -17.84 3.41 -19.43
N TYR B 378 -18.10 2.11 -19.39
CA TYR B 378 -18.06 1.31 -20.62
C TYR B 378 -19.43 1.12 -21.25
N ASN B 379 -20.43 1.83 -20.72
CA ASN B 379 -21.80 1.76 -21.22
C ASN B 379 -22.33 0.33 -21.28
N LEU B 380 -22.22 -0.39 -20.17
CA LEU B 380 -22.70 -1.77 -20.10
C LEU B 380 -24.18 -1.74 -19.72
N PRO B 381 -24.90 -2.87 -19.92
CA PRO B 381 -26.32 -2.97 -19.59
C PRO B 381 -26.55 -2.77 -18.10
N LEU B 382 -27.71 -2.21 -17.74
CA LEU B 382 -28.02 -1.97 -16.33
C LEU B 382 -28.04 -3.30 -15.59
N SER B 383 -28.30 -4.37 -16.36
CA SER B 383 -28.37 -5.72 -15.83
C SER B 383 -27.02 -6.42 -15.83
N TYR B 384 -25.97 -5.69 -16.21
CA TYR B 384 -24.63 -6.25 -16.28
C TYR B 384 -24.26 -7.28 -15.22
N LEU B 385 -24.39 -6.90 -13.95
CA LEU B 385 -24.04 -7.80 -12.86
C LEU B 385 -24.81 -9.11 -12.92
N GLU B 386 -26.13 -9.04 -12.97
CA GLU B 386 -26.94 -10.26 -13.05
C GLU B 386 -26.64 -11.02 -14.34
N ASP B 387 -26.54 -10.29 -15.45
CA ASP B 387 -26.25 -10.92 -16.74
C ASP B 387 -24.94 -11.70 -16.69
N PHE B 388 -23.98 -11.20 -15.93
CA PHE B 388 -22.68 -11.86 -15.82
C PHE B 388 -22.76 -13.20 -15.05
N ARG B 390 -25.45 -14.91 -14.53
CA ARG B 390 -26.37 -15.74 -15.31
C ARG B 390 -25.68 -16.37 -16.51
N GLN B 391 -25.07 -15.54 -17.34
CA GLN B 391 -24.38 -16.07 -18.50
C GLN B 391 -23.30 -17.11 -18.13
N SER B 392 -22.64 -16.89 -16.98
CA SER B 392 -21.50 -17.65 -16.46
C SER B 392 -21.65 -19.08 -15.99
N GLN B 393 -22.88 -19.46 -15.66
CA GLN B 393 -23.11 -20.82 -15.14
C GLN B 393 -23.78 -21.61 -16.22
N GLU B 394 -24.22 -20.84 -17.21
CA GLU B 394 -24.88 -21.34 -18.38
C GLU B 394 -23.85 -21.82 -19.39
N LEU B 395 -22.69 -21.17 -19.45
CA LEU B 395 -21.65 -21.53 -20.40
C LEU B 395 -21.31 -23.01 -20.43
N THR B 396 -21.02 -23.52 -21.61
CA THR B 396 -20.65 -24.92 -21.78
C THR B 396 -19.15 -24.95 -22.08
N VAL B 397 -18.54 -26.12 -21.95
CA VAL B 397 -17.11 -26.26 -22.23
C VAL B 397 -16.80 -25.86 -23.67
N GLU B 398 -17.75 -26.07 -24.56
CA GLU B 398 -17.54 -25.75 -25.97
C GLU B 398 -17.61 -24.26 -26.27
N GLN B 399 -18.38 -23.52 -25.48
CA GLN B 399 -18.49 -22.07 -25.68
C GLN B 399 -17.20 -21.42 -25.19
N VAL B 400 -16.69 -21.91 -24.06
CA VAL B 400 -15.48 -21.36 -23.47
C VAL B 400 -14.29 -21.58 -24.39
N LYS B 401 -14.14 -22.80 -24.89
CA LYS B 401 -13.02 -23.12 -25.77
C LYS B 401 -13.09 -22.29 -27.05
N ALA B 402 -14.29 -22.12 -27.58
CA ALA B 402 -14.46 -21.36 -28.81
C ALA B 402 -14.09 -19.89 -28.58
N ALA B 403 -14.53 -19.33 -27.46
CA ALA B 403 -14.23 -17.94 -27.13
C ALA B 403 -12.73 -17.72 -26.95
N ASN B 405 -10.28 -19.45 -28.26
CA ASN B 405 -9.64 -19.57 -29.56
C ASN B 405 -9.96 -18.41 -30.49
N LYS B 406 -11.10 -17.78 -30.25
CA LYS B 406 -11.53 -16.66 -31.07
C LYS B 406 -10.70 -15.40 -30.76
N HIS B 407 -10.25 -15.28 -29.51
CA HIS B 407 -9.51 -14.09 -29.09
C HIS B 407 -8.02 -14.26 -28.77
N LEU B 408 -7.54 -15.50 -28.77
CA LEU B 408 -6.14 -15.77 -28.50
C LEU B 408 -5.59 -16.72 -29.56
N ASN B 409 -4.28 -16.60 -29.83
CA ASN B 409 -3.62 -17.44 -30.81
C ASN B 409 -2.19 -17.69 -30.32
N VAL B 410 -1.76 -18.95 -30.32
CA VAL B 410 -0.41 -19.28 -29.85
C VAL B 410 0.69 -18.60 -30.64
N ASP B 411 0.41 -18.21 -31.88
CA ASP B 411 1.42 -17.57 -32.71
C ASP B 411 1.39 -16.04 -32.63
N LYS B 412 0.68 -15.50 -31.66
CA LYS B 412 0.59 -14.06 -31.51
C LYS B 412 1.23 -13.54 -30.22
N VAL B 414 3.72 -12.13 -27.50
CA VAL B 414 4.87 -11.24 -27.42
C VAL B 414 5.46 -11.61 -26.07
N ILE B 415 6.75 -11.94 -26.05
CA ILE B 415 7.39 -12.36 -24.83
C ILE B 415 8.52 -11.44 -24.37
N VAL B 416 8.56 -11.18 -23.06
CA VAL B 416 9.62 -10.34 -22.50
C VAL B 416 10.12 -10.96 -21.19
N SER B 417 11.43 -11.14 -21.11
CA SER B 417 12.01 -11.70 -19.89
C SER B 417 12.92 -10.64 -19.27
N ALA B 418 13.09 -10.67 -17.95
CA ALA B 418 13.94 -9.71 -17.25
C ALA B 418 14.72 -10.43 -16.15
N GLY B 419 16.02 -10.60 -16.38
CA GLY B 419 16.85 -11.29 -15.43
C GLY B 419 18.23 -11.45 -16.03
N PRO B 420 19.12 -12.21 -15.39
CA PRO B 420 20.46 -12.38 -15.94
C PRO B 420 20.53 -13.41 -17.07
N THR B 421 21.51 -13.23 -17.95
CA THR B 421 21.71 -14.18 -19.04
C THR B 421 22.69 -15.20 -18.47
N VAL B 422 22.22 -16.43 -18.26
CA VAL B 422 23.06 -17.48 -17.68
C VAL B 422 22.86 -18.81 -18.39
N ALA B 423 23.70 -19.79 -18.05
CA ALA B 423 23.59 -21.12 -18.66
C ALA B 423 22.26 -21.71 -18.23
N GLN B 424 21.60 -22.44 -19.13
CA GLN B 424 20.30 -23.03 -18.84
C GLN B 424 20.31 -24.51 -18.49
N LYS B 425 19.48 -24.88 -17.51
CA LYS B 425 19.36 -26.27 -17.06
C LYS B 425 18.02 -26.81 -17.54
N PRO B 426 18.02 -27.85 -18.39
CA PRO B 426 16.76 -28.42 -18.89
C PRO B 426 15.86 -28.88 -17.74
N LEU B 427 14.55 -28.89 -17.94
CA LEU B 427 13.63 -29.30 -16.89
C LEU B 427 13.77 -30.81 -16.63
N GLU B 428 13.68 -31.21 -15.37
CA GLU B 428 13.79 -32.62 -15.02
C GLU B 428 12.42 -33.25 -14.90
#